data_8JUR
#
_entry.id   8JUR
#
_cell.length_a   86.326
_cell.length_b   134.103
_cell.length_c   145.787
_cell.angle_alpha   90.00
_cell.angle_beta   90.00
_cell.angle_gamma   90.00
#
_symmetry.space_group_name_H-M   'P 21 21 21'
#
loop_
_entity.id
_entity.type
_entity.pdbx_description
1 polymer Chitoporin
2 non-polymer (HYDROXYETHYLOXY)TRI(ETHYLOXY)OCTANE
3 non-polymer 'SODIUM ION'
4 non-polymer '(2R,3R,4R,5R)-2-((1S,2S,3R,4S,6R)-4,6-DIAMINO-3-((2R,3R,6S)-3-AMINO-6-(AMINOMETHYL)-TETRAHYDRO-2H-PYRAN-2-YLOXY)-2-HYDR OXYCYCLOHEXYLOXY)-5-METHYL-4-(METHYLAMINO)-TETRAHYDRO-2H-PYRAN-3,5-DIOL'
5 water water
#
_entity_poly.entity_id   1
_entity_poly.type   'polypeptide(L)'
_entity_poly.pdbx_seq_one_letter_code
;DGANSDAAKEYLTKDSFSYEVYGIIAMQAAYRDYDSGDAKQDDNLGGMQLNNESRIGFRGKKQFANFEPTFIWQIEGGYV
DPSFGGEGAGLGERDTFVGFESASWGQVRLGRVLTPMYELVDWPASNPGLGDVYDWGGAIGGAKYQDRQSNTIRWDSPMY
ADKFSIDAAVGAGDKAGLGAGDDYWGGIAAHYKLGPLQLDAAYEGNRNIEAEGQTWENNTYLVGVQGWFENGISFFAQYK
YMEADASNGVNEKQDAMSAGLMYTTGDWQYKLGYAANFDLERDGKTLSNTSDDVVSAQIMYFVDPSAVLYARARMNDFNE
GLDGLDDAARWTSGTNGDYNEYSVGVEYYF
;
_entity_poly.pdbx_strand_id   A,B,C
#
# COMPACT_ATOMS: atom_id res chain seq x y z
N ASP A 1 -4.05 -2.76 20.04
CA ASP A 1 -3.24 -2.53 18.86
C ASP A 1 -2.41 -1.27 19.05
N GLY A 2 -1.10 -1.33 18.78
CA GLY A 2 -0.31 -0.12 18.74
C GLY A 2 0.07 0.36 20.13
N ALA A 3 0.93 1.39 20.17
CA ALA A 3 1.50 1.81 21.44
C ALA A 3 0.47 2.43 22.38
N ASN A 4 -0.58 3.04 21.84
CA ASN A 4 -1.60 3.66 22.67
C ASN A 4 -2.98 3.40 22.13
N SER A 5 -3.15 2.29 21.42
CA SER A 5 -4.43 1.85 20.87
C SER A 5 -5.03 2.94 20.01
N ASP A 6 -6.35 2.97 19.90
CA ASP A 6 -7.03 4.08 19.24
C ASP A 6 -7.56 5.05 20.27
N ALA A 7 -6.96 5.06 21.45
CA ALA A 7 -7.34 5.97 22.51
C ALA A 7 -7.13 7.42 22.12
N ALA A 8 -6.37 7.69 21.04
CA ALA A 8 -6.24 9.05 20.57
C ALA A 8 -7.59 9.59 20.08
N LYS A 9 -8.41 8.74 19.46
CA LYS A 9 -9.73 9.21 19.05
C LYS A 9 -10.66 9.40 20.25
N GLU A 10 -10.43 8.64 21.33
CA GLU A 10 -11.43 8.67 22.40
C GLU A 10 -11.22 9.86 23.34
N TYR A 11 -9.99 10.33 23.54
CA TYR A 11 -9.72 11.31 24.58
C TYR A 11 -9.31 12.69 24.07
N LEU A 12 -8.62 12.77 22.95
CA LEU A 12 -8.14 14.05 22.44
C LEU A 12 -9.22 14.74 21.60
N THR A 13 -9.14 16.07 21.54
CA THR A 13 -10.09 16.87 20.77
C THR A 13 -9.60 16.95 19.32
N LYS A 14 -10.41 16.45 18.38
CA LYS A 14 -10.02 16.47 16.97
C LYS A 14 -9.76 17.90 16.52
N ASP A 15 -8.51 18.15 16.12
CA ASP A 15 -8.14 19.43 15.53
C ASP A 15 -8.57 19.44 14.07
N SER A 16 -9.88 19.62 13.86
CA SER A 16 -10.45 19.51 12.53
C SER A 16 -9.78 20.47 11.55
N PHE A 17 -9.62 20.00 10.32
CA PHE A 17 -9.12 20.81 9.21
C PHE A 17 -7.71 21.33 9.46
N SER A 18 -6.88 20.56 10.14
CA SER A 18 -5.52 21.02 10.34
C SER A 18 -4.59 20.15 9.50
N TYR A 19 -4.89 20.06 8.21
CA TYR A 19 -4.08 19.31 7.27
C TYR A 19 -4.07 20.00 5.91
N GLU A 20 -2.99 19.77 5.15
CA GLU A 20 -2.93 20.14 3.75
C GLU A 20 -2.77 18.86 2.95
N VAL A 21 -3.52 18.72 1.87
CA VAL A 21 -3.38 17.59 0.97
C VAL A 21 -2.58 18.07 -0.21
N TYR A 22 -1.49 17.39 -0.53
CA TYR A 22 -0.65 17.82 -1.64
C TYR A 22 -0.21 16.64 -2.48
N GLY A 23 0.24 16.95 -3.69
CA GLY A 23 0.71 15.92 -4.58
C GLY A 23 1.59 16.48 -5.66
N ILE A 24 2.48 15.63 -6.15
CA ILE A 24 3.26 15.91 -7.35
C ILE A 24 2.86 14.87 -8.39
N ILE A 25 2.29 15.33 -9.49
CA ILE A 25 1.97 14.49 -10.64
C ILE A 25 3.18 14.51 -11.55
N ALA A 26 3.66 13.32 -11.97
CA ALA A 26 4.89 13.25 -12.75
C ALA A 26 4.89 11.98 -13.62
N MET A 27 4.87 12.16 -14.93
CA MET A 27 4.97 11.03 -15.85
C MET A 27 6.19 11.23 -16.72
N GLN A 28 6.86 10.13 -17.05
CA GLN A 28 8.01 10.17 -17.93
C GLN A 28 7.92 8.97 -18.86
N ALA A 29 7.66 9.22 -20.14
CA ALA A 29 7.75 8.19 -21.16
C ALA A 29 9.20 8.03 -21.54
N ALA A 30 9.80 6.87 -21.26
CA ALA A 30 11.24 6.71 -21.41
C ALA A 30 11.54 5.45 -22.21
N TYR A 31 12.29 5.63 -23.31
CA TYR A 31 12.80 4.54 -24.13
C TYR A 31 14.25 4.24 -23.72
N ARG A 32 14.55 2.98 -23.48
CA ARG A 32 15.89 2.56 -23.07
C ARG A 32 16.43 1.60 -24.12
N ASP A 33 17.72 1.77 -24.43
CA ASP A 33 18.44 0.98 -25.43
C ASP A 33 19.72 0.41 -24.78
N TYR A 34 19.70 -0.87 -24.43
CA TYR A 34 20.81 -1.49 -23.69
C TYR A 34 21.84 -2.10 -24.63
N ASP A 35 23.08 -2.17 -24.15
CA ASP A 35 24.18 -2.86 -24.84
C ASP A 35 24.86 -3.76 -23.81
N SER A 36 24.14 -4.80 -23.39
CA SER A 36 24.63 -5.70 -22.36
C SER A 36 25.48 -6.83 -22.90
N GLY A 37 25.74 -6.87 -24.20
CA GLY A 37 26.46 -8.00 -24.75
C GLY A 37 25.66 -9.27 -24.86
N ASP A 38 24.37 -9.23 -24.52
CA ASP A 38 23.43 -10.34 -24.69
C ASP A 38 22.19 -9.78 -25.36
N ALA A 39 21.88 -10.27 -26.56
CA ALA A 39 20.77 -9.70 -27.33
C ALA A 39 19.42 -9.99 -26.66
N LYS A 40 19.21 -11.20 -26.16
CA LYS A 40 17.95 -11.53 -25.51
C LYS A 40 17.73 -10.65 -24.28
N GLN A 41 18.74 -10.53 -23.42
CA GLN A 41 18.61 -9.68 -22.25
C GLN A 41 18.41 -8.22 -22.64
N ASP A 42 19.01 -7.79 -23.76
CA ASP A 42 18.90 -6.41 -24.22
C ASP A 42 17.45 -6.02 -24.52
N ASP A 43 16.63 -6.97 -24.96
CA ASP A 43 15.25 -6.65 -25.34
C ASP A 43 14.32 -6.58 -24.15
N ASN A 44 14.57 -7.40 -23.13
CA ASN A 44 13.77 -7.33 -21.92
C ASN A 44 13.93 -5.97 -21.26
N LEU A 45 15.16 -5.63 -20.83
CA LEU A 45 15.39 -4.37 -20.11
C LEU A 45 15.08 -3.16 -20.96
N GLY A 46 15.53 -3.15 -22.20
CA GLY A 46 15.32 -2.00 -23.04
C GLY A 46 13.91 -1.95 -23.59
N GLY A 47 13.52 -0.76 -24.03
CA GLY A 47 12.22 -0.58 -24.63
C GLY A 47 11.55 0.65 -24.08
N MET A 48 10.30 0.82 -24.46
CA MET A 48 9.51 1.93 -23.98
C MET A 48 8.83 1.52 -22.66
N GLN A 49 8.78 2.45 -21.72
CA GLN A 49 8.03 2.24 -20.49
C GLN A 49 7.52 3.59 -20.01
N LEU A 50 6.46 3.58 -19.21
CA LEU A 50 5.92 4.82 -18.65
C LEU A 50 6.27 4.83 -17.17
N ASN A 51 7.21 5.68 -16.80
CA ASN A 51 7.68 5.78 -15.43
C ASN A 51 6.84 6.89 -14.78
N ASN A 52 5.74 6.48 -14.12
CA ASN A 52 4.86 7.43 -13.45
C ASN A 52 5.29 7.54 -11.99
N GLU A 53 5.95 8.64 -11.64
CA GLU A 53 6.40 8.90 -10.29
C GLU A 53 5.45 9.83 -9.54
N SER A 54 4.17 9.85 -9.92
CA SER A 54 3.22 10.68 -9.20
C SER A 54 3.08 10.19 -7.75
N ARG A 55 2.57 11.07 -6.88
CA ARG A 55 2.46 10.73 -5.47
C ARG A 55 1.54 11.69 -4.75
N ILE A 56 0.83 11.17 -3.75
CA ILE A 56 0.01 11.98 -2.86
C ILE A 56 0.63 12.00 -1.46
N GLY A 57 0.44 13.13 -0.76
CA GLY A 57 0.95 13.33 0.57
C GLY A 57 -0.02 14.16 1.40
N PHE A 58 0.22 14.15 2.70
CA PHE A 58 -0.53 14.95 3.66
C PHE A 58 0.50 15.53 4.61
N ARG A 59 0.31 16.79 5.00
CA ARG A 59 1.20 17.42 5.95
C ARG A 59 0.49 18.53 6.73
N GLY A 60 1.09 18.91 7.85
CA GLY A 60 0.54 20.00 8.63
C GLY A 60 1.48 20.40 9.75
N LYS A 61 1.15 21.53 10.37
CA LYS A 61 1.89 22.02 11.53
C LYS A 61 0.89 22.33 12.63
N LYS A 62 1.33 22.19 13.88
CA LYS A 62 0.50 22.56 15.02
C LYS A 62 1.34 23.28 16.07
N GLN A 63 0.83 24.40 16.57
CA GLN A 63 1.44 25.08 17.70
C GLN A 63 0.78 24.49 18.93
N PHE A 64 1.51 23.65 19.67
CA PHE A 64 1.00 23.10 20.93
C PHE A 64 0.87 24.20 21.97
N ALA A 65 -0.22 24.15 22.74
CA ALA A 65 -0.49 25.19 23.73
C ALA A 65 0.66 25.32 24.71
N ASN A 66 1.18 24.19 25.18
CA ASN A 66 2.15 24.14 26.26
C ASN A 66 3.50 23.59 25.79
N PHE A 67 3.91 23.97 24.58
CA PHE A 67 5.22 23.59 24.10
C PHE A 67 5.68 24.69 23.17
N GLU A 68 6.92 25.17 23.37
CA GLU A 68 7.42 26.25 22.51
C GLU A 68 7.66 25.78 21.08
N PRO A 69 8.42 24.69 20.83
CA PRO A 69 8.62 24.26 19.44
C PRO A 69 7.30 23.92 18.76
N THR A 70 7.21 24.27 17.47
CA THR A 70 6.02 23.95 16.70
C THR A 70 6.09 22.51 16.19
N PHE A 71 5.02 21.76 16.40
CA PHE A 71 4.95 20.38 15.92
C PHE A 71 4.72 20.35 14.40
N ILE A 72 5.47 19.50 13.70
CA ILE A 72 5.31 19.31 12.27
C ILE A 72 5.24 17.81 12.00
N TRP A 73 4.57 17.46 10.91
CA TRP A 73 4.38 16.06 10.52
C TRP A 73 4.16 15.96 9.02
N GLN A 74 4.52 14.80 8.47
CA GLN A 74 4.32 14.59 7.03
C GLN A 74 4.18 13.10 6.74
N ILE A 75 3.30 12.78 5.79
CA ILE A 75 3.13 11.42 5.28
C ILE A 75 3.03 11.52 3.76
N GLU A 76 4.06 11.04 3.05
CA GLU A 76 4.10 11.12 1.59
C GLU A 76 4.18 9.72 1.00
N GLY A 77 3.27 9.41 0.11
CA GLY A 77 3.31 8.09 -0.49
C GLY A 77 4.37 7.99 -1.56
N GLY A 78 4.61 6.75 -1.99
CA GLY A 78 5.62 6.50 -3.00
C GLY A 78 5.09 6.65 -4.41
N TYR A 79 5.97 6.33 -5.36
CA TYR A 79 5.63 6.39 -6.79
C TYR A 79 4.50 5.44 -7.13
N VAL A 80 3.44 5.95 -7.77
CA VAL A 80 2.23 5.15 -7.96
C VAL A 80 2.44 4.08 -9.01
N ASP A 81 3.34 4.31 -9.96
CA ASP A 81 3.54 3.34 -11.03
C ASP A 81 4.91 3.51 -11.69
N PRO A 82 5.98 3.25 -10.97
CA PRO A 82 7.32 3.47 -11.53
C PRO A 82 7.65 2.45 -12.61
N SER A 83 8.62 2.81 -13.44
CA SER A 83 9.10 1.87 -14.44
C SER A 83 9.86 0.75 -13.75
N PHE A 84 9.83 -0.43 -14.38
CA PHE A 84 10.49 -1.65 -13.91
C PHE A 84 9.84 -2.24 -12.68
N GLY A 85 8.70 -1.71 -12.24
CA GLY A 85 8.07 -2.21 -11.03
C GLY A 85 6.57 -2.17 -11.14
N GLY A 86 5.94 -2.92 -10.22
CA GLY A 86 4.50 -3.05 -10.18
C GLY A 86 3.80 -1.76 -9.81
N GLU A 87 2.47 -1.82 -9.82
CA GLU A 87 1.64 -0.67 -9.55
C GLU A 87 1.23 -0.59 -8.08
N GLY A 88 0.79 0.61 -7.67
CA GLY A 88 0.28 0.82 -6.33
C GLY A 88 1.37 1.17 -5.32
N ALA A 89 1.21 2.28 -4.61
CA ALA A 89 2.19 2.72 -3.64
C ALA A 89 1.58 2.81 -2.26
N GLY A 90 2.40 2.59 -1.25
CA GLY A 90 1.93 2.75 0.10
C GLY A 90 1.99 4.19 0.55
N LEU A 91 1.22 4.49 1.59
CA LEU A 91 1.34 5.78 2.26
C LEU A 91 2.51 5.68 3.23
N GLY A 92 3.44 6.62 3.15
CA GLY A 92 4.60 6.61 4.02
C GLY A 92 5.88 6.09 3.42
N GLU A 93 5.96 5.91 2.10
CA GLU A 93 7.15 5.37 1.47
C GLU A 93 8.20 6.42 1.15
N ARG A 94 7.79 7.66 1.02
CA ARG A 94 8.72 8.76 0.84
C ARG A 94 8.86 9.46 2.19
N ASP A 95 9.21 10.74 2.18
CA ASP A 95 9.47 11.47 3.41
C ASP A 95 8.26 11.46 4.35
N THR A 96 8.43 10.83 5.52
CA THR A 96 7.35 10.65 6.48
C THR A 96 7.91 10.80 7.88
N PHE A 97 7.36 11.75 8.64
CA PHE A 97 8.00 12.10 9.91
C PHE A 97 7.08 12.97 10.75
N VAL A 98 7.43 13.06 12.03
CA VAL A 98 7.01 14.14 12.90
C VAL A 98 8.25 14.95 13.26
N GLY A 99 8.03 16.14 13.81
CA GLY A 99 9.20 16.91 14.20
C GLY A 99 8.80 18.21 14.84
N PHE A 100 9.82 18.93 15.30
CA PHE A 100 9.62 20.23 15.91
C PHE A 100 10.55 21.25 15.25
N GLU A 101 10.17 22.51 15.37
CA GLU A 101 10.97 23.61 14.83
C GLU A 101 10.69 24.84 15.67
N SER A 102 11.77 25.46 16.16
CA SER A 102 11.73 26.74 16.85
C SER A 102 12.68 27.70 16.13
N ALA A 103 12.32 28.98 16.10
CA ALA A 103 13.21 29.96 15.49
C ALA A 103 14.53 30.06 16.22
N SER A 104 14.62 29.49 17.43
CA SER A 104 15.80 29.63 18.25
C SER A 104 16.90 28.63 17.87
N TRP A 105 16.52 27.40 17.49
CA TRP A 105 17.51 26.37 17.21
C TRP A 105 17.29 25.58 15.92
N GLY A 106 16.41 26.01 15.02
CA GLY A 106 16.24 25.31 13.78
C GLY A 106 15.14 24.27 13.77
N GLN A 107 15.40 23.10 13.18
CA GLN A 107 14.35 22.09 13.00
C GLN A 107 14.88 20.70 13.32
N VAL A 108 14.05 19.89 13.99
CA VAL A 108 14.35 18.49 14.27
C VAL A 108 13.29 17.61 13.65
N ARG A 109 13.71 16.49 13.10
CA ARG A 109 12.76 15.60 12.47
C ARG A 109 13.10 14.16 12.85
N LEU A 110 12.07 13.39 13.14
CA LEU A 110 12.21 11.98 13.48
C LEU A 110 11.37 11.18 12.49
N GLY A 111 11.97 10.15 11.89
CA GLY A 111 11.21 9.29 11.03
C GLY A 111 11.95 8.88 9.79
N ARG A 112 11.33 9.06 8.62
CA ARG A 112 11.87 8.63 7.33
C ARG A 112 12.17 9.89 6.53
N VAL A 113 13.46 10.23 6.39
CA VAL A 113 13.88 11.42 5.67
C VAL A 113 15.20 11.12 4.94
N LEU A 114 15.72 12.15 4.27
CA LEU A 114 17.01 12.05 3.59
C LEU A 114 18.16 12.36 4.56
N THR A 115 19.23 11.58 4.47
CA THR A 115 20.44 11.88 5.24
C THR A 115 21.08 13.15 4.71
N PRO A 116 21.77 13.93 5.56
CA PRO A 116 22.38 15.18 5.09
C PRO A 116 23.24 14.98 3.86
N MET A 117 23.93 13.85 3.78
CA MET A 117 24.79 13.55 2.66
C MET A 117 23.99 13.33 1.39
N TYR A 118 23.03 12.39 1.43
CA TYR A 118 22.30 12.05 0.23
C TYR A 118 21.56 13.26 -0.34
N GLU A 119 21.07 14.14 0.53
CA GLU A 119 20.35 15.32 0.07
C GLU A 119 21.18 16.11 -0.92
N LEU A 120 22.48 16.25 -0.67
CA LEU A 120 23.32 16.93 -1.62
C LEU A 120 23.60 16.06 -2.84
N VAL A 121 23.91 14.78 -2.62
CA VAL A 121 24.16 13.85 -3.73
C VAL A 121 22.96 13.80 -4.66
N ASP A 122 21.76 13.80 -4.10
CA ASP A 122 20.54 13.75 -4.92
C ASP A 122 20.34 15.04 -5.72
N TRP A 123 20.29 16.18 -5.04
CA TRP A 123 20.12 17.46 -5.70
C TRP A 123 21.20 18.42 -5.23
N PRO A 124 22.00 18.98 -6.13
CA PRO A 124 21.79 18.95 -7.59
C PRO A 124 22.52 17.83 -8.36
N ALA A 125 23.45 17.14 -7.72
CA ALA A 125 24.40 16.29 -8.43
C ALA A 125 23.80 15.11 -9.18
N SER A 126 22.54 14.74 -8.95
CA SER A 126 21.97 13.61 -9.69
C SER A 126 21.12 14.01 -10.87
N ASN A 127 20.81 15.27 -11.04
CA ASN A 127 19.93 15.71 -12.11
C ASN A 127 20.71 16.36 -13.25
N PRO A 128 20.38 16.05 -14.52
CA PRO A 128 19.29 15.15 -14.97
C PRO A 128 19.75 13.77 -15.40
N GLY A 129 19.30 12.73 -14.70
CA GLY A 129 19.65 11.38 -15.09
C GLY A 129 21.05 10.91 -14.73
N LEU A 130 21.77 11.58 -13.83
CA LEU A 130 23.10 11.14 -13.44
C LEU A 130 23.08 10.11 -12.33
N GLY A 131 21.87 9.70 -11.90
CA GLY A 131 21.74 8.90 -10.69
C GLY A 131 22.33 7.51 -10.80
N ASP A 132 22.18 6.86 -11.94
CA ASP A 132 22.73 5.52 -12.07
C ASP A 132 24.22 5.48 -11.74
N VAL A 133 24.94 6.55 -12.03
CA VAL A 133 26.37 6.56 -11.78
C VAL A 133 26.70 7.17 -10.42
N TYR A 134 26.16 8.35 -10.13
CA TYR A 134 26.58 9.12 -8.97
C TYR A 134 25.79 8.80 -7.72
N ASP A 135 24.51 8.46 -7.86
CA ASP A 135 23.66 8.14 -6.72
C ASP A 135 23.98 6.76 -6.18
N TRP A 136 23.32 5.73 -6.71
CA TRP A 136 23.53 4.36 -6.26
C TRP A 136 24.58 3.64 -7.10
N GLY A 137 25.27 4.35 -7.97
CA GLY A 137 26.34 3.74 -8.71
C GLY A 137 27.60 3.63 -7.90
N GLY A 138 28.53 2.83 -8.37
CA GLY A 138 29.76 2.68 -7.63
C GLY A 138 30.15 1.23 -7.49
N ALA A 139 31.33 0.99 -6.95
CA ALA A 139 31.78 -0.37 -6.76
C ALA A 139 32.25 -0.63 -5.34
N ILE A 140 32.21 0.38 -4.47
CA ILE A 140 32.74 0.23 -3.12
C ILE A 140 31.87 -0.73 -2.31
N GLY A 141 32.52 -1.51 -1.44
CA GLY A 141 31.81 -2.45 -0.62
C GLY A 141 31.11 -1.79 0.55
N GLY A 142 30.34 -2.60 1.28
CA GLY A 142 29.62 -2.06 2.43
C GLY A 142 28.46 -1.20 1.96
N ALA A 143 28.29 -0.06 2.64
CA ALA A 143 27.21 0.88 2.32
C ALA A 143 27.84 2.26 2.15
N LYS A 144 27.99 2.70 0.90
CA LYS A 144 28.58 4.02 0.66
C LYS A 144 27.88 5.11 1.45
N TYR A 145 26.55 4.99 1.60
CA TYR A 145 25.72 5.88 2.42
C TYR A 145 24.28 5.43 2.27
N GLN A 146 23.41 6.01 3.08
CA GLN A 146 21.99 5.75 2.96
C GLN A 146 21.37 6.86 2.12
N ASP A 147 20.21 6.55 1.54
CA ASP A 147 19.47 7.48 0.69
C ASP A 147 18.38 8.15 1.50
N ARG A 148 17.11 7.83 1.23
CA ARG A 148 16.01 8.10 2.16
C ARG A 148 15.95 6.97 3.18
N GLN A 149 15.96 7.33 4.48
CA GLN A 149 16.12 6.32 5.52
C GLN A 149 15.10 6.48 6.66
N SER A 150 14.61 5.34 7.15
CA SER A 150 13.74 5.34 8.32
C SER A 150 14.57 5.28 9.60
N ASN A 151 13.90 5.47 10.74
CA ASN A 151 14.54 5.44 12.06
C ASN A 151 15.70 6.44 12.13
N THR A 152 15.38 7.68 11.82
CA THR A 152 16.40 8.71 11.65
C THR A 152 16.03 9.90 12.50
N ILE A 153 17.01 10.42 13.23
CA ILE A 153 16.86 11.70 13.90
C ILE A 153 17.70 12.70 13.11
N ARG A 154 17.08 13.79 12.67
CA ARG A 154 17.80 14.73 11.82
C ARG A 154 17.51 16.13 12.31
N TRP A 155 18.58 16.91 12.46
CA TRP A 155 18.51 18.28 12.96
C TRP A 155 18.95 19.22 11.84
N ASP A 156 18.08 20.16 11.52
CA ASP A 156 18.31 21.19 10.52
C ASP A 156 18.42 22.54 11.20
N SER A 157 19.59 23.17 11.09
CA SER A 157 19.83 24.48 11.69
C SER A 157 19.16 25.59 10.88
N PRO A 158 18.94 26.77 11.49
CA PRO A 158 18.47 27.94 10.71
C PRO A 158 19.61 28.54 9.92
N MET A 159 19.37 29.62 9.17
CA MET A 159 20.44 30.29 8.43
C MET A 159 21.23 31.17 9.40
N TYR A 160 22.31 30.60 9.93
CA TYR A 160 23.15 31.28 10.92
C TYR A 160 23.91 32.41 10.26
N ALA A 161 23.85 33.61 10.87
CA ALA A 161 24.55 34.80 10.40
C ALA A 161 24.20 35.15 8.96
N ASP A 162 23.06 34.62 8.47
CA ASP A 162 22.52 34.81 7.12
C ASP A 162 23.38 34.19 6.03
N LYS A 163 24.37 33.35 6.37
CA LYS A 163 25.27 32.75 5.38
C LYS A 163 25.52 31.26 5.61
N PHE A 164 25.54 30.79 6.86
CA PHE A 164 25.89 29.43 7.23
C PHE A 164 24.65 28.65 7.65
N SER A 165 24.66 27.35 7.36
CA SER A 165 23.55 26.46 7.72
C SER A 165 24.12 25.05 7.85
N ILE A 166 23.51 24.27 8.74
CA ILE A 166 24.03 22.98 9.13
C ILE A 166 22.89 21.96 9.14
N ASP A 167 23.21 20.72 8.81
CA ASP A 167 22.29 19.59 8.95
C ASP A 167 23.12 18.42 9.47
N ALA A 168 22.59 17.71 10.46
CA ALA A 168 23.26 16.54 11.00
C ALA A 168 22.22 15.49 11.33
N ALA A 169 22.62 14.22 11.31
CA ALA A 169 21.64 13.17 11.53
C ALA A 169 22.34 11.87 11.92
N VAL A 170 21.56 10.99 12.55
CA VAL A 170 22.00 9.66 12.94
C VAL A 170 20.80 8.72 12.81
N GLY A 171 21.08 7.45 12.66
CA GLY A 171 19.93 6.57 12.56
C GLY A 171 20.36 5.14 12.60
N ALA A 172 19.36 4.26 12.60
CA ALA A 172 19.58 2.84 12.54
C ALA A 172 19.69 2.42 11.08
N GLY A 173 20.31 1.26 10.87
CA GLY A 173 20.54 0.78 9.52
C GLY A 173 19.36 0.02 8.95
N ASP A 174 19.52 -0.39 7.69
CA ASP A 174 18.45 -1.09 7.00
C ASP A 174 18.07 -2.36 7.76
N LYS A 175 19.06 -3.15 8.17
CA LYS A 175 18.81 -4.42 8.86
C LYS A 175 18.35 -4.18 10.30
N ALA A 176 18.90 -3.16 10.96
CA ALA A 176 18.47 -2.86 12.32
C ALA A 176 16.99 -2.51 12.36
N GLY A 177 16.51 -1.79 11.34
CA GLY A 177 15.12 -1.38 11.25
C GLY A 177 14.14 -2.52 11.08
N LEU A 178 14.63 -3.73 10.81
CA LEU A 178 13.80 -4.92 10.75
C LEU A 178 14.08 -5.87 11.91
N GLY A 179 14.88 -5.44 12.88
CA GLY A 179 15.27 -6.25 14.03
C GLY A 179 16.21 -7.38 13.69
N ALA A 180 17.01 -7.23 12.63
CA ALA A 180 17.86 -8.33 12.19
C ALA A 180 19.32 -7.90 12.07
N GLY A 181 19.71 -6.87 12.79
CA GLY A 181 21.07 -6.36 12.73
C GLY A 181 21.20 -5.18 13.66
N ASP A 182 22.43 -4.69 13.78
CA ASP A 182 22.71 -3.54 14.64
C ASP A 182 23.55 -2.50 13.91
N ASP A 183 23.34 -2.35 12.60
CA ASP A 183 24.04 -1.32 11.85
C ASP A 183 23.46 0.05 12.17
N TYR A 184 24.32 1.05 12.15
CA TYR A 184 23.89 2.42 12.39
C TYR A 184 24.78 3.34 11.56
N TRP A 185 24.40 4.61 11.52
CA TRP A 185 25.09 5.57 10.68
C TRP A 185 24.90 6.96 11.26
N GLY A 186 25.78 7.85 10.86
CA GLY A 186 25.63 9.24 11.23
C GLY A 186 26.28 10.05 10.14
N GLY A 187 25.85 11.30 10.04
CA GLY A 187 26.36 12.17 9.01
C GLY A 187 25.98 13.59 9.29
N ILE A 188 26.69 14.50 8.62
CA ILE A 188 26.50 15.93 8.79
C ILE A 188 26.90 16.59 7.49
N ALA A 189 26.35 17.78 7.25
CA ALA A 189 26.58 18.54 6.03
C ALA A 189 26.61 20.02 6.38
N ALA A 190 27.36 20.79 5.59
CA ALA A 190 27.48 22.23 5.81
C ALA A 190 27.25 22.99 4.50
N HIS A 191 26.68 24.20 4.64
CA HIS A 191 26.41 25.08 3.52
C HIS A 191 26.80 26.51 3.87
N TYR A 192 27.51 27.18 2.95
CA TYR A 192 27.93 28.56 3.11
C TYR A 192 27.63 29.33 1.83
N LYS A 193 26.88 30.44 1.93
CA LYS A 193 26.56 31.28 0.78
C LYS A 193 27.61 32.39 0.67
N LEU A 194 28.43 32.35 -0.37
CA LEU A 194 29.41 33.41 -0.66
C LEU A 194 28.94 34.13 -1.92
N GLY A 195 28.00 35.06 -1.75
CA GLY A 195 27.46 35.85 -2.84
C GLY A 195 26.51 35.08 -3.74
N PRO A 196 26.83 34.99 -5.04
CA PRO A 196 26.00 34.19 -5.95
C PRO A 196 26.36 32.73 -5.95
N LEU A 197 27.30 32.33 -5.11
CA LEU A 197 27.79 30.97 -5.00
C LEU A 197 27.30 30.37 -3.69
N GLN A 198 27.45 29.06 -3.60
CA GLN A 198 27.14 28.36 -2.36
C GLN A 198 28.08 27.17 -2.26
N LEU A 199 28.81 27.08 -1.15
CA LEU A 199 29.78 26.02 -0.94
C LEU A 199 29.15 24.96 -0.04
N ASP A 200 29.46 23.69 -0.32
CA ASP A 200 28.87 22.58 0.41
C ASP A 200 29.93 21.56 0.80
N ALA A 201 29.77 20.98 1.99
CA ALA A 201 30.58 19.88 2.47
C ALA A 201 29.69 18.98 3.32
N ALA A 202 29.95 17.67 3.28
CA ALA A 202 29.13 16.72 4.00
C ALA A 202 29.92 15.44 4.25
N TYR A 203 29.54 14.73 5.32
CA TYR A 203 30.18 13.49 5.73
C TYR A 203 29.09 12.52 6.12
N GLU A 204 29.38 11.22 6.00
CA GLU A 204 28.49 10.19 6.50
C GLU A 204 29.30 8.93 6.83
N GLY A 205 29.07 8.37 8.02
CA GLY A 205 29.70 7.12 8.44
C GLY A 205 28.68 6.03 8.71
N ASN A 206 28.91 4.85 8.14
CA ASN A 206 28.04 3.69 8.28
C ASN A 206 28.84 2.62 8.98
N ARG A 207 28.22 1.95 9.95
CA ARG A 207 28.93 1.04 10.84
C ARG A 207 28.14 -0.23 11.02
N ASN A 208 28.86 -1.32 11.27
CA ASN A 208 28.24 -2.62 11.53
C ASN A 208 27.39 -3.06 10.35
N ILE A 209 27.87 -2.77 9.16
CA ILE A 209 27.16 -3.07 7.93
C ILE A 209 27.64 -4.44 7.47
N GLU A 210 26.72 -5.40 7.43
CA GLU A 210 27.05 -6.77 7.08
C GLU A 210 26.81 -6.99 5.59
N ALA A 211 27.84 -7.43 4.89
CA ALA A 211 27.76 -7.66 3.45
C ALA A 211 28.98 -8.46 3.02
N GLU A 212 28.79 -9.31 2.01
CA GLU A 212 29.86 -10.13 1.45
C GLU A 212 30.56 -10.92 2.54
N GLY A 213 29.82 -11.30 3.56
CA GLY A 213 30.38 -12.12 4.60
C GLY A 213 31.23 -11.40 5.61
N GLN A 214 31.27 -10.07 5.58
CA GLN A 214 32.06 -9.29 6.53
C GLN A 214 31.20 -8.21 7.16
N THR A 215 31.74 -7.62 8.21
CA THR A 215 31.23 -6.37 8.76
C THR A 215 32.04 -5.22 8.15
N TRP A 216 31.37 -4.10 7.88
CA TRP A 216 32.02 -3.00 7.18
C TRP A 216 31.94 -1.71 7.97
N GLU A 217 32.96 -0.88 7.80
CA GLU A 217 32.91 0.52 8.18
C GLU A 217 33.04 1.31 6.90
N ASN A 218 32.14 2.27 6.71
CA ASN A 218 32.11 3.09 5.52
C ASN A 218 32.27 4.53 5.94
N ASN A 219 33.06 5.28 5.17
CA ASN A 219 33.25 6.69 5.43
C ASN A 219 33.21 7.42 4.10
N THR A 220 32.39 8.46 4.00
CA THR A 220 32.29 9.18 2.74
C THR A 220 32.27 10.68 3.00
N TYR A 221 33.09 11.39 2.20
CA TYR A 221 33.29 12.82 2.31
C TYR A 221 32.94 13.47 0.98
N LEU A 222 32.47 14.71 1.03
CA LEU A 222 31.96 15.36 -0.17
C LEU A 222 32.13 16.87 -0.07
N VAL A 223 32.57 17.48 -1.18
CA VAL A 223 32.65 18.93 -1.30
C VAL A 223 32.03 19.33 -2.63
N GLY A 224 31.43 20.52 -2.66
CA GLY A 224 30.80 20.97 -3.88
C GLY A 224 30.51 22.45 -3.89
N VAL A 225 30.41 22.98 -5.10
CA VAL A 225 30.09 24.37 -5.34
C VAL A 225 28.81 24.41 -6.15
N GLN A 226 28.00 25.44 -5.92
CA GLN A 226 26.79 25.69 -6.68
C GLN A 226 26.70 27.17 -6.94
N GLY A 227 26.30 27.55 -8.15
CA GLY A 227 26.20 28.94 -8.53
C GLY A 227 24.92 29.26 -9.27
N TRP A 228 24.31 30.40 -8.95
CA TRP A 228 23.19 30.95 -9.68
C TRP A 228 23.50 32.40 -10.02
N PHE A 229 23.31 32.79 -11.28
CA PHE A 229 23.60 34.15 -11.72
C PHE A 229 22.39 34.70 -12.45
N GLU A 230 22.26 36.02 -12.45
CA GLU A 230 21.05 36.65 -12.98
C GLU A 230 20.97 36.59 -14.51
N ASN A 231 22.09 36.62 -15.23
CA ASN A 231 22.00 36.48 -16.69
C ASN A 231 21.29 35.19 -17.09
N GLY A 232 21.20 34.20 -16.20
CA GLY A 232 20.51 32.97 -16.50
C GLY A 232 21.31 31.69 -16.31
N ILE A 233 22.57 31.80 -15.99
CA ILE A 233 23.45 30.64 -15.91
C ILE A 233 23.42 30.10 -14.49
N SER A 234 23.38 28.76 -14.38
CA SER A 234 23.58 28.08 -13.11
C SER A 234 24.56 26.94 -13.35
N PHE A 235 25.32 26.60 -12.33
CA PHE A 235 26.23 25.48 -12.49
C PHE A 235 26.31 24.77 -11.15
N PHE A 236 26.83 23.55 -11.17
CA PHE A 236 27.15 22.86 -9.95
C PHE A 236 28.29 21.93 -10.27
N ALA A 237 29.16 21.73 -9.28
CA ALA A 237 30.27 20.80 -9.39
C ALA A 237 30.45 20.18 -8.02
N GLN A 238 30.87 18.92 -7.98
CA GLN A 238 30.99 18.22 -6.70
C GLN A 238 32.10 17.20 -6.81
N TYR A 239 32.81 16.97 -5.71
CA TYR A 239 33.81 15.90 -5.60
C TYR A 239 33.42 15.02 -4.42
N LYS A 240 33.57 13.70 -4.58
CA LYS A 240 33.13 12.73 -3.57
C LYS A 240 34.22 11.69 -3.34
N TYR A 241 34.60 11.49 -2.07
CA TYR A 241 35.64 10.54 -1.65
C TYR A 241 35.01 9.44 -0.79
N MET A 242 35.17 8.20 -1.23
CA MET A 242 34.54 7.04 -0.61
C MET A 242 35.61 6.10 -0.10
N GLU A 243 35.53 5.77 1.19
CA GLU A 243 36.51 4.92 1.85
C GLU A 243 35.74 3.80 2.54
N ALA A 244 36.10 2.55 2.24
CA ALA A 244 35.49 1.40 2.88
C ALA A 244 36.55 0.55 3.54
N ASP A 245 36.19 -0.10 4.64
CA ASP A 245 37.12 -0.83 5.49
C ASP A 245 36.40 -2.08 5.96
N ALA A 246 36.96 -3.25 5.68
CA ALA A 246 36.33 -4.51 6.02
C ALA A 246 37.00 -5.13 7.25
N SER A 247 36.32 -6.11 7.83
CA SER A 247 36.76 -6.75 9.06
C SER A 247 37.92 -7.70 8.86
N ASN A 248 38.29 -8.01 7.61
CA ASN A 248 39.44 -8.84 7.33
C ASN A 248 40.68 -8.02 6.98
N GLY A 249 40.73 -6.75 7.40
CA GLY A 249 41.86 -5.88 7.12
C GLY A 249 41.82 -5.17 5.78
N VAL A 250 40.93 -5.61 4.88
CA VAL A 250 40.85 -5.05 3.54
C VAL A 250 40.41 -3.60 3.59
N ASN A 251 41.13 -2.75 2.88
CA ASN A 251 40.77 -1.35 2.73
C ASN A 251 40.32 -1.13 1.29
N GLU A 252 39.42 -0.17 1.09
CA GLU A 252 38.90 0.14 -0.23
C GLU A 252 38.66 1.64 -0.33
N LYS A 253 38.95 2.21 -1.50
CA LYS A 253 38.75 3.63 -1.76
C LYS A 253 38.30 3.81 -3.20
N GLN A 254 37.43 4.80 -3.41
CA GLN A 254 36.93 5.17 -4.73
C GLN A 254 36.44 6.60 -4.62
N ASP A 255 36.67 7.41 -5.66
CA ASP A 255 36.15 8.77 -5.64
C ASP A 255 35.34 9.03 -6.90
N ALA A 256 34.65 10.16 -6.89
CA ALA A 256 33.70 10.46 -7.96
C ALA A 256 33.41 11.95 -7.99
N MET A 257 32.93 12.42 -9.13
CA MET A 257 32.58 13.81 -9.28
C MET A 257 31.27 13.92 -10.03
N SER A 258 30.65 15.10 -9.93
CA SER A 258 29.46 15.39 -10.70
C SER A 258 29.46 16.89 -11.00
N ALA A 259 29.09 17.24 -12.24
CA ALA A 259 29.03 18.65 -12.61
C ALA A 259 27.90 18.86 -13.59
N GLY A 260 27.28 20.02 -13.50
CA GLY A 260 26.15 20.34 -14.36
C GLY A 260 26.09 21.80 -14.71
N LEU A 261 25.74 22.09 -15.95
CA LEU A 261 25.63 23.44 -16.45
C LEU A 261 24.23 23.68 -17.00
N MET A 262 23.69 24.87 -16.78
CA MET A 262 22.34 25.14 -17.25
C MET A 262 22.17 26.62 -17.58
N TYR A 263 21.37 26.87 -18.63
CA TYR A 263 21.05 28.20 -19.09
C TYR A 263 19.53 28.34 -19.12
N THR A 264 19.00 29.10 -18.17
CA THR A 264 17.59 29.44 -18.14
C THR A 264 17.36 30.72 -18.93
N THR A 265 16.43 30.71 -19.87
CA THR A 265 16.17 31.87 -20.71
C THR A 265 14.67 32.01 -20.94
N GLY A 266 14.05 32.90 -20.18
CA GLY A 266 12.64 33.15 -20.38
C GLY A 266 11.81 31.97 -19.92
N ASP A 267 11.23 31.26 -20.89
CA ASP A 267 10.42 30.08 -20.64
C ASP A 267 11.16 28.77 -20.91
N TRP A 268 12.48 28.80 -21.13
CA TRP A 268 13.25 27.59 -21.42
C TRP A 268 14.42 27.44 -20.47
N GLN A 269 14.87 26.19 -20.31
CA GLN A 269 16.05 25.88 -19.52
C GLN A 269 16.78 24.74 -20.19
N TYR A 270 18.01 25.00 -20.65
CA TYR A 270 18.90 24.01 -21.25
C TYR A 270 19.84 23.50 -20.16
N LYS A 271 20.32 22.26 -20.30
CA LYS A 271 21.09 21.71 -19.18
C LYS A 271 21.94 20.52 -19.63
N LEU A 272 23.21 20.53 -19.27
CA LEU A 272 24.10 19.40 -19.52
C LEU A 272 24.63 18.84 -18.22
N GLY A 273 24.74 17.52 -18.16
CA GLY A 273 25.23 16.87 -16.97
C GLY A 273 26.30 15.85 -17.30
N TYR A 274 27.20 15.69 -16.35
CA TYR A 274 28.23 14.66 -16.43
C TYR A 274 28.59 14.29 -15.00
N ALA A 275 28.74 13.00 -14.77
CA ALA A 275 29.20 12.50 -13.48
C ALA A 275 30.01 11.25 -13.74
N ALA A 276 30.91 10.93 -12.81
CA ALA A 276 31.78 9.79 -13.05
C ALA A 276 32.34 9.28 -11.74
N ASN A 277 32.58 7.97 -11.71
CA ASN A 277 33.33 7.30 -10.67
C ASN A 277 34.70 6.93 -11.23
N PHE A 278 35.76 7.18 -10.45
CA PHE A 278 37.10 6.84 -10.87
C PHE A 278 37.38 5.38 -10.51
N ASP A 279 38.52 4.87 -10.99
CA ASP A 279 38.88 3.49 -10.68
C ASP A 279 38.86 3.25 -9.17
N LEU A 280 38.41 2.04 -8.77
CA LEU A 280 38.34 1.65 -7.36
C LEU A 280 39.67 1.01 -6.95
N GLU A 281 40.20 1.41 -5.80
CA GLU A 281 41.47 0.89 -5.29
C GLU A 281 41.19 0.02 -4.06
N ARG A 282 41.46 -1.28 -4.18
CA ARG A 282 41.33 -2.21 -3.08
C ARG A 282 42.71 -2.68 -2.64
N ASP A 283 42.98 -2.57 -1.34
CA ASP A 283 44.26 -3.01 -0.78
C ASP A 283 45.43 -2.35 -1.52
N GLY A 284 45.24 -1.10 -1.92
CA GLY A 284 46.27 -0.35 -2.60
C GLY A 284 46.60 -0.83 -3.99
N LYS A 285 45.71 -1.61 -4.62
CA LYS A 285 45.92 -2.07 -5.98
C LYS A 285 44.71 -1.61 -6.78
N THR A 286 44.98 -0.70 -7.73
CA THR A 286 43.93 -0.19 -8.61
C THR A 286 43.33 -1.34 -9.41
N LEU A 287 42.01 -1.40 -9.44
CA LEU A 287 41.32 -2.43 -10.22
C LEU A 287 40.94 -1.85 -11.58
N SER A 288 41.34 -2.55 -12.64
CA SER A 288 41.26 -1.98 -14.00
C SER A 288 39.82 -1.98 -14.49
N ASN A 289 39.38 -0.85 -15.03
CA ASN A 289 38.07 -0.70 -15.64
C ASN A 289 36.97 -0.94 -14.62
N THR A 290 37.06 -0.19 -13.53
CA THR A 290 36.03 -0.14 -12.49
C THR A 290 35.34 1.20 -12.44
N SER A 291 35.53 2.03 -13.45
CA SER A 291 34.95 3.36 -13.49
C SER A 291 33.64 3.35 -14.28
N ASP A 292 32.83 4.37 -14.03
CA ASP A 292 31.59 4.60 -14.76
C ASP A 292 31.52 6.09 -15.08
N ASP A 293 30.86 6.42 -16.19
CA ASP A 293 30.59 7.83 -16.51
C ASP A 293 29.24 7.90 -17.22
N VAL A 294 28.67 9.10 -17.20
CA VAL A 294 27.38 9.34 -17.85
C VAL A 294 27.36 10.81 -18.29
N VAL A 295 26.88 11.04 -19.51
CA VAL A 295 26.69 12.38 -20.06
C VAL A 295 25.21 12.55 -20.29
N SER A 296 24.72 13.79 -20.18
CA SER A 296 23.28 14.00 -20.27
C SER A 296 22.95 15.41 -20.71
N ALA A 297 21.90 15.51 -21.53
CA ALA A 297 21.37 16.76 -22.06
C ALA A 297 19.87 16.84 -21.79
N GLN A 298 19.36 18.06 -21.60
CA GLN A 298 17.93 18.19 -21.33
C GLN A 298 17.47 19.59 -21.66
N ILE A 299 16.30 19.68 -22.28
CA ILE A 299 15.60 20.94 -22.55
C ILE A 299 14.28 20.90 -21.80
N MET A 300 14.05 21.91 -20.97
CA MET A 300 12.84 22.02 -20.17
C MET A 300 12.11 23.29 -20.59
N TYR A 301 10.80 23.28 -20.43
CA TYR A 301 9.94 24.37 -20.87
C TYR A 301 8.95 24.69 -19.76
N PHE A 302 8.97 25.92 -19.24
CA PHE A 302 8.06 26.25 -18.13
C PHE A 302 6.67 26.50 -18.70
N VAL A 303 5.94 25.40 -18.83
CA VAL A 303 4.63 25.47 -19.44
C VAL A 303 3.64 26.17 -18.53
N ASP A 304 3.90 26.20 -17.23
CA ASP A 304 2.99 26.83 -16.27
C ASP A 304 3.78 27.22 -15.06
N PRO A 305 3.33 28.23 -14.30
CA PRO A 305 3.94 28.51 -13.00
C PRO A 305 4.05 27.29 -12.10
N SER A 306 3.26 26.26 -12.37
CA SER A 306 3.22 25.07 -11.52
C SER A 306 3.68 23.81 -12.22
N ALA A 307 4.05 23.85 -13.50
CA ALA A 307 4.36 22.64 -14.22
C ALA A 307 5.43 22.89 -15.28
N VAL A 308 6.01 21.79 -15.76
CA VAL A 308 7.03 21.87 -16.79
C VAL A 308 6.90 20.66 -17.71
N LEU A 309 7.29 20.84 -18.96
CA LEU A 309 7.52 19.75 -19.90
C LEU A 309 9.02 19.65 -20.14
N TYR A 310 9.49 18.46 -20.51
CA TYR A 310 10.94 18.34 -20.67
C TYR A 310 11.25 17.16 -21.57
N ALA A 311 12.36 17.26 -22.30
CA ALA A 311 12.90 16.14 -23.04
C ALA A 311 14.30 15.89 -22.53
N ARG A 312 14.80 14.68 -22.71
CA ARG A 312 16.08 14.36 -22.11
C ARG A 312 16.72 13.18 -22.81
N ALA A 313 18.03 13.28 -23.06
CA ALA A 313 18.80 12.16 -23.55
C ALA A 313 19.99 11.93 -22.63
N ARG A 314 20.46 10.68 -22.57
CA ARG A 314 21.58 10.37 -21.70
C ARG A 314 22.18 9.03 -22.07
N MET A 315 23.50 8.91 -21.84
CA MET A 315 24.29 7.73 -22.18
C MET A 315 25.10 7.31 -20.95
N ASN A 316 24.93 6.05 -20.52
CA ASN A 316 25.63 5.50 -19.35
C ASN A 316 26.64 4.45 -19.81
N ASP A 317 27.90 4.68 -19.52
CA ASP A 317 28.94 3.71 -19.80
C ASP A 317 29.50 3.25 -18.45
N PHE A 318 29.21 1.99 -18.09
CA PHE A 318 29.48 1.45 -16.77
C PHE A 318 30.75 0.63 -16.76
N ASN A 319 31.15 0.22 -15.57
CA ASN A 319 32.34 -0.60 -15.38
C ASN A 319 32.11 -1.98 -15.94
N GLU A 320 33.21 -2.73 -16.05
CA GLU A 320 33.22 -4.03 -16.70
C GLU A 320 33.08 -5.17 -15.70
N GLY A 321 32.93 -4.88 -14.41
CA GLY A 321 32.69 -5.96 -13.48
C GLY A 321 33.57 -5.88 -12.23
N LEU A 322 33.12 -6.49 -11.14
CA LEU A 322 33.89 -6.44 -9.91
C LEU A 322 33.64 -7.73 -9.14
N ASP A 323 34.64 -8.14 -8.37
CA ASP A 323 34.53 -9.35 -7.58
C ASP A 323 34.36 -8.96 -6.11
N GLY A 324 33.50 -9.70 -5.40
CA GLY A 324 33.28 -9.40 -4.00
C GLY A 324 34.34 -10.03 -3.09
N LEU A 325 34.29 -9.64 -1.81
CA LEU A 325 35.21 -10.19 -0.83
C LEU A 325 34.90 -11.63 -0.43
N ASP A 326 33.74 -12.16 -0.82
CA ASP A 326 33.38 -13.55 -0.63
C ASP A 326 33.71 -14.42 -1.83
N ASP A 327 34.36 -13.86 -2.85
CA ASP A 327 34.77 -14.57 -4.07
C ASP A 327 33.57 -14.82 -4.97
N ALA A 328 32.65 -13.86 -5.01
CA ALA A 328 31.53 -13.86 -5.95
C ALA A 328 31.32 -12.44 -6.47
N ALA A 329 30.74 -12.35 -7.67
CA ALA A 329 30.49 -11.05 -8.29
C ALA A 329 29.76 -10.11 -7.34
N ARG A 330 30.22 -8.86 -7.29
CA ARG A 330 29.57 -7.81 -6.51
C ARG A 330 28.68 -6.98 -7.44
N TRP A 331 27.41 -6.85 -7.06
CA TRP A 331 26.46 -6.09 -7.86
C TRP A 331 26.89 -4.62 -7.91
N THR A 332 26.83 -4.05 -9.11
CA THR A 332 26.98 -2.62 -9.32
C THR A 332 25.86 -2.16 -10.23
N SER A 333 25.66 -0.84 -10.29
CA SER A 333 24.62 -0.29 -11.14
C SER A 333 24.85 -0.61 -12.62
N GLY A 334 26.02 -1.13 -12.97
CA GLY A 334 26.32 -1.54 -14.32
C GLY A 334 26.20 -3.02 -14.55
N THR A 335 25.67 -3.78 -13.59
CA THR A 335 25.52 -5.21 -13.80
C THR A 335 24.66 -5.52 -15.01
N ASN A 336 23.64 -4.70 -15.29
CA ASN A 336 22.74 -4.92 -16.40
C ASN A 336 23.28 -4.37 -17.72
N GLY A 337 24.41 -3.68 -17.71
CA GLY A 337 25.11 -3.26 -18.91
C GLY A 337 24.95 -1.78 -19.23
N ASP A 338 25.74 -1.32 -20.21
CA ASP A 338 25.65 0.05 -20.70
C ASP A 338 24.32 0.24 -21.42
N TYR A 339 23.80 1.46 -21.36
CA TYR A 339 22.50 1.70 -21.97
C TYR A 339 22.31 3.19 -22.17
N ASN A 340 21.54 3.55 -23.20
CA ASN A 340 21.12 4.91 -23.44
C ASN A 340 19.61 5.05 -23.21
N GLU A 341 19.19 6.28 -22.94
CA GLU A 341 17.80 6.55 -22.59
C GLU A 341 17.38 7.89 -23.19
N TYR A 342 16.25 7.88 -23.87
CA TYR A 342 15.66 9.07 -24.48
C TYR A 342 14.25 9.18 -23.92
N SER A 343 13.83 10.40 -23.53
CA SER A 343 12.56 10.52 -22.82
C SER A 343 11.99 11.94 -22.88
N VAL A 344 10.67 12.00 -22.76
CA VAL A 344 9.91 13.23 -22.57
C VAL A 344 9.10 13.03 -21.29
N GLY A 345 8.69 14.12 -20.66
CA GLY A 345 7.98 13.96 -19.40
C GLY A 345 7.32 15.25 -18.96
N VAL A 346 6.45 15.11 -17.97
CA VAL A 346 5.76 16.25 -17.38
C VAL A 346 5.83 16.12 -15.86
N GLU A 347 5.84 17.27 -15.17
CA GLU A 347 5.78 17.33 -13.71
C GLU A 347 4.90 18.51 -13.29
N TYR A 348 4.06 18.29 -12.29
CA TYR A 348 3.08 19.28 -11.85
C TYR A 348 2.89 19.15 -10.34
N TYR A 349 2.77 20.30 -9.66
CA TYR A 349 2.75 20.35 -8.19
C TYR A 349 1.55 21.13 -7.68
N PHE A 350 0.62 20.45 -7.00
CA PHE A 350 -0.49 21.13 -6.36
C PHE A 350 -0.46 20.84 -4.88
N ASP B 1 -13.70 -5.54 -14.03
CA ASP B 1 -13.15 -5.60 -12.68
C ASP B 1 -14.30 -5.46 -11.66
N GLY B 2 -14.39 -6.39 -10.72
CA GLY B 2 -15.24 -6.19 -9.57
C GLY B 2 -16.69 -6.54 -9.76
N ALA B 3 -17.44 -6.38 -8.65
CA ALA B 3 -18.82 -6.81 -8.60
C ALA B 3 -19.71 -6.00 -9.51
N ASN B 4 -19.37 -4.73 -9.75
CA ASN B 4 -20.19 -3.86 -10.57
C ASN B 4 -19.40 -2.91 -11.45
N SER B 5 -18.17 -3.28 -11.83
CA SER B 5 -17.28 -2.47 -12.69
C SER B 5 -17.15 -1.05 -12.12
N ASP B 6 -16.97 -0.05 -12.99
CA ASP B 6 -16.98 1.35 -12.58
C ASP B 6 -18.32 2.02 -12.88
N ALA B 7 -19.40 1.23 -12.93
CA ALA B 7 -20.74 1.73 -13.18
C ALA B 7 -21.26 2.68 -12.11
N ALA B 8 -20.66 2.70 -10.90
CA ALA B 8 -21.06 3.68 -9.90
C ALA B 8 -20.71 5.11 -10.32
N LYS B 9 -19.57 5.30 -11.00
CA LYS B 9 -19.21 6.63 -11.48
C LYS B 9 -20.06 7.05 -12.67
N GLU B 10 -20.57 6.08 -13.44
CA GLU B 10 -21.25 6.43 -14.69
C GLU B 10 -22.70 6.85 -14.46
N TYR B 11 -23.37 6.32 -13.43
CA TYR B 11 -24.80 6.56 -13.28
C TYR B 11 -25.19 7.33 -12.02
N LEU B 12 -24.47 7.15 -10.92
CA LEU B 12 -24.91 7.79 -9.70
C LEU B 12 -24.44 9.24 -9.63
N THR B 13 -25.14 10.02 -8.82
CA THR B 13 -24.81 11.41 -8.58
C THR B 13 -23.73 11.49 -7.51
N LYS B 14 -22.57 12.03 -7.88
CA LYS B 14 -21.47 12.20 -6.95
C LYS B 14 -21.98 13.08 -5.80
N ASP B 15 -22.02 12.54 -4.59
CA ASP B 15 -22.37 13.31 -3.40
C ASP B 15 -21.14 14.09 -2.95
N SER B 16 -20.85 15.16 -3.69
CA SER B 16 -19.64 15.92 -3.44
C SER B 16 -19.59 16.41 -2.01
N PHE B 17 -18.36 16.36 -1.44
CA PHE B 17 -18.00 16.87 -0.11
C PHE B 17 -18.71 16.10 1.01
N SER B 18 -19.03 14.83 0.81
CA SER B 18 -19.56 14.12 1.97
C SER B 18 -18.47 13.12 2.30
N TYR B 19 -17.26 13.60 2.63
CA TYR B 19 -16.11 12.81 3.06
C TYR B 19 -15.41 13.64 4.10
N GLU B 20 -14.84 12.99 5.10
CA GLU B 20 -13.99 13.65 6.07
C GLU B 20 -12.64 12.97 6.02
N VAL B 21 -11.58 13.77 6.05
CA VAL B 21 -10.21 13.25 6.11
C VAL B 21 -9.76 13.34 7.56
N TYR B 22 -9.27 12.22 8.10
CA TYR B 22 -8.83 12.24 9.48
C TYR B 22 -7.54 11.46 9.58
N GLY B 23 -6.78 11.74 10.63
CA GLY B 23 -5.50 11.08 10.83
C GLY B 23 -5.07 11.16 12.28
N ILE B 24 -4.27 10.19 12.68
CA ILE B 24 -3.62 10.20 13.99
C ILE B 24 -2.11 10.19 13.76
N ILE B 25 -1.43 11.23 14.21
CA ILE B 25 0.01 11.27 14.15
C ILE B 25 0.57 10.69 15.45
N ALA B 26 1.46 9.72 15.32
CA ALA B 26 1.93 8.98 16.49
C ALA B 26 3.35 8.51 16.21
N MET B 27 4.31 9.05 16.94
CA MET B 27 5.69 8.61 16.82
C MET B 27 6.19 8.20 18.20
N GLN B 28 6.98 7.14 18.25
CA GLN B 28 7.52 6.64 19.53
C GLN B 28 8.98 6.26 19.32
N ALA B 29 9.89 6.97 19.97
CA ALA B 29 11.28 6.56 20.00
C ALA B 29 11.43 5.52 21.12
N ALA B 30 11.79 4.29 20.78
CA ALA B 30 11.76 3.20 21.72
C ALA B 30 13.08 2.47 21.69
N TYR B 31 13.74 2.39 22.84
CA TYR B 31 14.97 1.62 23.00
C TYR B 31 14.63 0.26 23.61
N ARG B 32 15.22 -0.80 23.05
CA ARG B 32 14.98 -2.13 23.58
C ARG B 32 16.29 -2.80 23.95
N ASP B 33 16.27 -3.52 25.07
CA ASP B 33 17.43 -4.23 25.59
C ASP B 33 17.01 -5.67 25.83
N TYR B 34 17.36 -6.58 24.91
CA TYR B 34 16.93 -7.97 25.00
C TYR B 34 17.97 -8.78 25.75
N ASP B 35 17.49 -9.78 26.49
CA ASP B 35 18.35 -10.73 27.20
C ASP B 35 17.82 -12.13 26.96
N SER B 36 17.95 -12.60 25.74
CA SER B 36 17.40 -13.90 25.35
C SER B 36 18.34 -15.06 25.64
N GLY B 37 19.51 -14.81 26.21
CA GLY B 37 20.46 -15.90 26.29
C GLY B 37 21.21 -16.15 25.00
N ASP B 38 20.98 -15.31 23.98
CA ASP B 38 21.71 -15.34 22.70
C ASP B 38 22.18 -13.92 22.41
N ALA B 39 23.50 -13.75 22.35
CA ALA B 39 24.08 -12.41 22.21
C ALA B 39 23.81 -11.80 20.84
N LYS B 40 23.97 -12.58 19.76
CA LYS B 40 23.72 -12.05 18.41
C LYS B 40 22.27 -11.57 18.29
N GLN B 41 21.32 -12.42 18.72
CA GLN B 41 19.92 -12.06 18.71
C GLN B 41 19.61 -10.87 19.63
N ASP B 42 20.29 -10.75 20.76
CA ASP B 42 20.04 -9.62 21.63
C ASP B 42 20.31 -8.30 20.91
N ASP B 43 21.34 -8.27 20.07
CA ASP B 43 21.73 -7.02 19.43
C ASP B 43 20.97 -6.76 18.13
N ASN B 44 20.63 -7.81 17.38
CA ASN B 44 19.79 -7.61 16.21
C ASN B 44 18.43 -7.05 16.64
N LEU B 45 17.70 -7.81 17.47
CA LEU B 45 16.39 -7.38 17.93
C LEU B 45 16.48 -6.12 18.76
N GLY B 46 17.49 -6.03 19.63
CA GLY B 46 17.63 -4.90 20.51
C GLY B 46 18.20 -3.69 19.81
N GLY B 47 17.95 -2.54 20.42
CA GLY B 47 18.47 -1.28 19.94
C GLY B 47 17.38 -0.22 19.91
N MET B 48 17.77 0.94 19.39
CA MET B 48 16.86 2.07 19.28
C MET B 48 16.15 1.99 17.94
N GLN B 49 14.86 2.31 17.95
CA GLN B 49 14.05 2.34 16.74
C GLN B 49 13.02 3.45 16.87
N LEU B 50 12.53 3.92 15.73
CA LEU B 50 11.49 4.94 15.66
C LEU B 50 10.23 4.28 15.14
N ASN B 51 9.24 4.10 16.01
CA ASN B 51 7.97 3.42 15.70
C ASN B 51 6.92 4.45 15.29
N ASN B 52 6.79 4.69 13.99
CA ASN B 52 5.83 5.66 13.47
C ASN B 52 4.52 4.93 13.20
N GLU B 53 3.53 5.14 14.07
CA GLU B 53 2.21 4.55 13.92
C GLU B 53 1.19 5.54 13.36
N SER B 54 1.66 6.56 12.65
CA SER B 54 0.71 7.51 12.08
C SER B 54 -0.17 6.80 11.08
N ARG B 55 -1.30 7.41 10.76
CA ARG B 55 -2.25 6.78 9.85
C ARG B 55 -3.21 7.84 9.31
N ILE B 56 -3.61 7.68 8.05
CA ILE B 56 -4.61 8.52 7.41
C ILE B 56 -5.86 7.70 7.20
N GLY B 57 -7.01 8.36 7.33
CA GLY B 57 -8.28 7.71 7.15
C GLY B 57 -9.28 8.66 6.53
N PHE B 58 -10.37 8.09 6.07
CA PHE B 58 -11.50 8.79 5.50
C PHE B 58 -12.75 8.18 6.09
N ARG B 59 -13.72 9.02 6.42
CA ARG B 59 -14.99 8.54 6.97
C ARG B 59 -16.07 9.51 6.53
N GLY B 60 -17.32 9.07 6.63
CA GLY B 60 -18.43 9.92 6.27
C GLY B 60 -19.76 9.26 6.59
N LYS B 61 -20.80 10.07 6.53
CA LYS B 61 -22.17 9.59 6.72
C LYS B 61 -23.04 10.16 5.61
N LYS B 62 -24.07 9.41 5.23
CA LYS B 62 -25.06 9.88 4.27
C LYS B 62 -26.45 9.43 4.68
N GLN B 63 -27.42 10.36 4.61
CA GLN B 63 -28.83 10.04 4.80
C GLN B 63 -29.46 9.70 3.46
N PHE B 64 -29.74 8.41 3.25
CA PHE B 64 -30.39 7.99 2.02
C PHE B 64 -31.82 8.52 1.96
N ALA B 65 -32.22 9.01 0.78
CA ALA B 65 -33.55 9.57 0.59
C ALA B 65 -34.64 8.55 0.94
N ASN B 66 -34.47 7.29 0.53
CA ASN B 66 -35.49 6.26 0.69
C ASN B 66 -35.04 5.20 1.68
N PHE B 67 -34.33 5.61 2.73
CA PHE B 67 -33.99 4.71 3.83
C PHE B 67 -33.88 5.52 5.10
N GLU B 68 -34.54 5.04 6.17
CA GLU B 68 -34.49 5.75 7.44
C GLU B 68 -33.12 5.66 8.11
N PRO B 69 -32.51 4.48 8.28
CA PRO B 69 -31.19 4.42 8.93
C PRO B 69 -30.13 5.19 8.15
N THR B 70 -29.26 5.86 8.88
CA THR B 70 -28.20 6.64 8.26
C THR B 70 -27.06 5.72 7.88
N PHE B 71 -26.63 5.81 6.62
CA PHE B 71 -25.49 5.06 6.11
C PHE B 71 -24.19 5.66 6.62
N ILE B 72 -23.25 4.82 7.06
CA ILE B 72 -21.94 5.29 7.51
C ILE B 72 -20.88 4.43 6.87
N TRP B 73 -19.68 5.00 6.69
CA TRP B 73 -18.59 4.27 6.05
C TRP B 73 -17.25 4.79 6.57
N GLN B 74 -16.23 3.93 6.49
CA GLN B 74 -14.90 4.33 6.94
C GLN B 74 -13.85 3.53 6.21
N ILE B 75 -12.74 4.20 5.87
CA ILE B 75 -11.55 3.55 5.33
C ILE B 75 -10.35 4.16 6.07
N GLU B 76 -9.70 3.36 6.92
CA GLU B 76 -8.56 3.81 7.70
C GLU B 76 -7.35 3.01 7.30
N GLY B 77 -6.24 3.70 6.92
CA GLY B 77 -5.03 3.02 6.54
C GLY B 77 -4.25 2.53 7.75
N GLY B 78 -3.23 1.71 7.49
CA GLY B 78 -2.41 1.17 8.56
C GLY B 78 -1.25 2.08 8.95
N TYR B 79 -0.45 1.59 9.91
CA TYR B 79 0.72 2.33 10.39
C TYR B 79 1.73 2.55 9.26
N VAL B 80 2.15 3.80 9.09
CA VAL B 80 2.93 4.16 7.91
C VAL B 80 4.38 3.67 7.98
N ASP B 81 4.95 3.55 9.19
CA ASP B 81 6.34 3.12 9.28
C ASP B 81 6.65 2.54 10.65
N PRO B 82 6.00 1.43 11.01
CA PRO B 82 6.17 0.87 12.35
C PRO B 82 7.55 0.26 12.54
N SER B 83 7.89 0.11 13.81
CA SER B 83 9.15 -0.50 14.18
C SER B 83 9.09 -1.99 13.87
N PHE B 84 10.25 -2.55 13.57
CA PHE B 84 10.48 -3.94 13.21
C PHE B 84 9.91 -4.30 11.85
N GLY B 85 9.40 -3.31 11.10
CA GLY B 85 8.83 -3.58 9.79
C GLY B 85 9.14 -2.47 8.81
N GLY B 86 8.91 -2.79 7.53
CA GLY B 86 9.11 -1.86 6.45
C GLY B 86 8.10 -0.72 6.42
N GLU B 87 8.34 0.21 5.49
CA GLU B 87 7.55 1.43 5.35
C GLU B 87 6.39 1.23 4.36
N GLY B 88 5.41 2.13 4.46
CA GLY B 88 4.26 2.09 3.58
C GLY B 88 3.13 1.20 4.09
N ALA B 89 1.95 1.79 4.23
CA ALA B 89 0.76 1.07 4.68
C ALA B 89 -0.30 1.18 3.61
N GLY B 90 -1.16 0.16 3.53
CA GLY B 90 -2.24 0.18 2.59
C GLY B 90 -3.46 0.94 3.09
N LEU B 91 -4.31 1.29 2.14
CA LEU B 91 -5.61 1.88 2.46
C LEU B 91 -6.56 0.75 2.81
N GLY B 92 -7.15 0.79 4.01
CA GLY B 92 -8.06 -0.26 4.45
C GLY B 92 -7.51 -1.29 5.42
N GLU B 93 -6.33 -1.06 6.00
CA GLU B 93 -5.70 -2.03 6.89
C GLU B 93 -6.14 -1.93 8.34
N ARG B 94 -6.65 -0.78 8.77
CA ARG B 94 -7.27 -0.67 10.09
C ARG B 94 -8.79 -0.69 9.91
N ASP B 95 -9.54 -0.12 10.86
CA ASP B 95 -11.00 -0.21 10.83
C ASP B 95 -11.62 0.32 9.54
N THR B 96 -12.22 -0.57 8.75
CA THR B 96 -12.72 -0.25 7.42
C THR B 96 -14.05 -1.00 7.22
N PHE B 97 -15.13 -0.26 6.97
CA PHE B 97 -16.44 -0.89 7.05
C PHE B 97 -17.50 0.00 6.40
N VAL B 98 -18.64 -0.61 6.13
CA VAL B 98 -19.87 0.12 5.85
C VAL B 98 -20.84 -0.20 6.98
N GLY B 99 -21.91 0.59 7.08
CA GLY B 99 -22.87 0.28 8.12
C GLY B 99 -24.05 1.23 8.13
N PHE B 100 -24.97 0.94 9.05
CA PHE B 100 -26.17 1.74 9.27
C PHE B 100 -26.31 2.06 10.75
N GLU B 101 -27.06 3.12 11.06
CA GLU B 101 -27.28 3.48 12.45
C GLU B 101 -28.59 4.23 12.59
N SER B 102 -29.45 3.71 13.47
CA SER B 102 -30.66 4.38 13.92
C SER B 102 -30.64 4.50 15.43
N ALA B 103 -31.15 5.63 15.93
CA ALA B 103 -31.15 5.89 17.36
C ALA B 103 -31.94 4.86 18.17
N SER B 104 -32.74 4.00 17.51
CA SER B 104 -33.57 3.04 18.22
C SER B 104 -32.82 1.78 18.63
N TRP B 105 -31.86 1.33 17.80
CA TRP B 105 -31.17 0.06 18.05
C TRP B 105 -29.66 0.14 17.91
N GLY B 106 -29.09 1.33 17.74
CA GLY B 106 -27.65 1.47 17.64
C GLY B 106 -27.14 1.35 16.22
N GLN B 107 -26.02 0.65 16.02
CA GLN B 107 -25.40 0.58 14.71
C GLN B 107 -24.92 -0.83 14.41
N VAL B 108 -24.99 -1.18 13.13
CA VAL B 108 -24.48 -2.42 12.59
C VAL B 108 -23.36 -2.07 11.60
N ARG B 109 -22.30 -2.88 11.59
CA ARG B 109 -21.17 -2.59 10.72
C ARG B 109 -20.70 -3.87 10.04
N LEU B 110 -20.39 -3.78 8.76
CA LEU B 110 -19.92 -4.90 7.99
C LEU B 110 -18.52 -4.57 7.51
N GLY B 111 -17.58 -5.48 7.76
CA GLY B 111 -16.24 -5.27 7.27
C GLY B 111 -15.15 -5.64 8.24
N ARG B 112 -14.24 -4.70 8.45
CA ARG B 112 -13.04 -4.92 9.24
C ARG B 112 -13.14 -4.07 10.51
N VAL B 113 -13.36 -4.73 11.66
CA VAL B 113 -13.47 -4.06 12.95
C VAL B 113 -12.86 -4.95 14.03
N LEU B 114 -12.86 -4.45 15.26
CA LEU B 114 -12.40 -5.23 16.39
C LEU B 114 -13.54 -6.08 16.92
N THR B 115 -13.23 -7.32 17.31
CA THR B 115 -14.23 -8.16 17.94
C THR B 115 -14.57 -7.58 19.31
N PRO B 116 -15.79 -7.76 19.78
CA PRO B 116 -16.16 -7.20 21.10
C PRO B 116 -15.18 -7.53 22.22
N MET B 117 -14.57 -8.71 22.23
CA MET B 117 -13.60 -9.01 23.27
C MET B 117 -12.34 -8.17 23.12
N TYR B 118 -11.70 -8.24 21.95
CA TYR B 118 -10.40 -7.60 21.80
C TYR B 118 -10.47 -6.13 22.15
N GLU B 119 -11.56 -5.47 21.79
CA GLU B 119 -11.68 -4.05 22.09
C GLU B 119 -11.40 -3.77 23.55
N LEU B 120 -11.94 -4.62 24.45
CA LEU B 120 -11.69 -4.47 25.88
C LEU B 120 -10.28 -4.92 26.25
N VAL B 121 -9.82 -6.04 25.69
CA VAL B 121 -8.43 -6.47 25.88
C VAL B 121 -7.48 -5.37 25.42
N ASP B 122 -7.82 -4.72 24.32
CA ASP B 122 -6.99 -3.65 23.80
C ASP B 122 -7.01 -2.45 24.74
N TRP B 123 -8.18 -1.86 24.97
CA TRP B 123 -8.32 -0.73 25.89
C TRP B 123 -9.48 -1.02 26.80
N PRO B 124 -9.30 -1.00 28.14
CA PRO B 124 -8.16 -0.37 28.83
C PRO B 124 -6.94 -1.23 29.12
N ALA B 125 -7.00 -2.56 29.04
CA ALA B 125 -5.81 -3.36 29.36
C ALA B 125 -4.73 -3.08 28.32
N SER B 126 -3.66 -3.87 28.35
CA SER B 126 -2.56 -3.69 27.38
C SER B 126 -1.89 -2.32 27.40
N ASN B 127 -2.50 -1.31 27.98
CA ASN B 127 -1.83 -0.02 28.08
C ASN B 127 -1.38 0.22 29.52
N PRO B 128 -0.15 0.68 29.73
CA PRO B 128 0.81 1.05 28.68
C PRO B 128 1.86 -0.01 28.40
N GLY B 129 1.89 -0.56 27.19
CA GLY B 129 2.95 -1.51 26.87
C GLY B 129 2.79 -2.88 27.44
N LEU B 130 1.58 -3.24 27.90
CA LEU B 130 1.27 -4.58 28.41
C LEU B 130 0.80 -5.53 27.30
N GLY B 131 0.81 -5.10 26.05
CA GLY B 131 0.23 -5.90 24.99
C GLY B 131 0.99 -7.18 24.72
N ASP B 132 2.33 -7.13 24.78
CA ASP B 132 3.11 -8.34 24.53
C ASP B 132 2.69 -9.48 25.42
N VAL B 133 2.24 -9.18 26.63
CA VAL B 133 1.83 -10.19 27.60
C VAL B 133 0.33 -10.41 27.56
N TYR B 134 -0.45 -9.32 27.64
CA TYR B 134 -1.90 -9.41 27.78
C TYR B 134 -2.65 -9.46 26.44
N ASP B 135 -2.16 -8.75 25.42
CA ASP B 135 -2.84 -8.74 24.11
C ASP B 135 -2.57 -10.04 23.37
N TRP B 136 -1.47 -10.10 22.64
CA TRP B 136 -1.12 -11.28 21.86
C TRP B 136 -0.23 -12.25 22.62
N GLY B 137 -0.05 -12.05 23.92
CA GLY B 137 0.69 -13.00 24.71
C GLY B 137 -0.16 -14.19 25.15
N GLY B 138 0.54 -15.25 25.52
CA GLY B 138 -0.12 -16.45 25.98
C GLY B 138 0.47 -17.67 25.32
N ALA B 139 0.13 -18.85 25.80
CA ALA B 139 0.68 -20.08 25.27
C ALA B 139 -0.38 -21.07 24.84
N ILE B 140 -1.66 -20.72 24.99
CA ILE B 140 -2.72 -21.65 24.68
C ILE B 140 -2.75 -21.92 23.18
N GLY B 141 -3.15 -23.15 22.81
CA GLY B 141 -3.24 -23.52 21.41
C GLY B 141 -4.47 -22.93 20.70
N GLY B 142 -4.50 -23.13 19.38
CA GLY B 142 -5.61 -22.60 18.60
C GLY B 142 -5.50 -21.09 18.51
N ALA B 143 -6.64 -20.42 18.60
CA ALA B 143 -6.71 -18.95 18.56
C ALA B 143 -7.58 -18.44 19.70
N LYS B 144 -6.97 -17.84 20.73
CA LYS B 144 -7.76 -17.36 21.85
C LYS B 144 -8.86 -16.38 21.42
N TYR B 145 -8.62 -15.58 20.39
CA TYR B 145 -9.60 -14.64 19.84
C TYR B 145 -8.94 -13.92 18.67
N GLN B 146 -9.73 -13.14 17.95
CA GLN B 146 -9.24 -12.35 16.85
C GLN B 146 -8.92 -10.94 17.31
N ASP B 147 -8.14 -10.23 16.50
CA ASP B 147 -7.75 -8.87 16.80
C ASP B 147 -8.75 -7.92 16.17
N ARG B 148 -8.25 -7.15 15.21
CA ARG B 148 -9.05 -6.51 14.18
C ARG B 148 -9.22 -7.54 13.08
N GLN B 149 -10.47 -7.81 12.69
CA GLN B 149 -10.71 -8.92 11.78
C GLN B 149 -11.64 -8.52 10.64
N SER B 150 -11.38 -9.05 9.43
CA SER B 150 -12.24 -8.80 8.28
C SER B 150 -13.42 -9.76 8.27
N ASN B 151 -14.32 -9.58 7.31
CA ASN B 151 -15.52 -10.42 7.13
C ASN B 151 -16.35 -10.50 8.40
N THR B 152 -16.71 -9.36 8.94
CA THR B 152 -17.36 -9.32 10.25
C THR B 152 -18.65 -8.53 10.15
N ILE B 153 -19.69 -9.05 10.79
CA ILE B 153 -20.90 -8.28 11.06
C ILE B 153 -20.92 -8.01 12.55
N ARG B 154 -21.05 -6.74 12.93
CA ARG B 154 -20.97 -6.32 14.32
C ARG B 154 -22.08 -5.33 14.67
N TRP B 155 -22.73 -5.52 15.82
CA TRP B 155 -23.79 -4.65 16.28
C TRP B 155 -23.40 -3.97 17.60
N ASP B 156 -23.48 -2.65 17.63
CA ASP B 156 -23.20 -1.85 18.83
C ASP B 156 -24.51 -1.21 19.31
N SER B 157 -24.96 -1.61 20.48
CA SER B 157 -26.22 -1.16 21.03
C SER B 157 -26.15 0.29 21.52
N PRO B 158 -27.30 0.94 21.73
CA PRO B 158 -27.29 2.29 22.35
C PRO B 158 -26.97 2.23 23.84
N MET B 159 -26.90 3.39 24.51
CA MET B 159 -26.66 3.47 25.95
C MET B 159 -28.00 3.31 26.67
N TYR B 160 -28.32 2.06 27.02
CA TYR B 160 -29.61 1.75 27.60
C TYR B 160 -29.75 2.33 29.00
N ALA B 161 -30.85 3.05 29.23
CA ALA B 161 -31.15 3.61 30.54
C ALA B 161 -30.00 4.48 31.07
N ASP B 162 -29.12 4.91 30.16
CA ASP B 162 -27.93 5.71 30.41
C ASP B 162 -26.86 4.96 31.22
N LYS B 163 -26.97 3.63 31.36
CA LYS B 163 -26.02 2.85 32.16
C LYS B 163 -25.56 1.54 31.50
N PHE B 164 -26.38 0.89 30.67
CA PHE B 164 -26.09 -0.43 30.10
C PHE B 164 -25.76 -0.34 28.61
N SER B 165 -24.85 -1.21 28.16
CA SER B 165 -24.38 -1.22 26.78
C SER B 165 -23.94 -2.62 26.37
N ILE B 166 -24.16 -2.96 25.09
CA ILE B 166 -23.88 -4.29 24.58
C ILE B 166 -23.22 -4.20 23.21
N ASP B 167 -22.28 -5.11 22.95
CA ASP B 167 -21.65 -5.24 21.64
C ASP B 167 -21.53 -6.72 21.32
N ALA B 168 -21.93 -7.13 20.11
CA ALA B 168 -21.82 -8.52 19.71
C ALA B 168 -21.49 -8.61 18.22
N ALA B 169 -20.83 -9.70 17.82
CA ALA B 169 -20.41 -9.85 16.45
C ALA B 169 -20.09 -11.30 16.13
N VAL B 170 -20.05 -11.58 14.83
CA VAL B 170 -19.69 -12.89 14.28
C VAL B 170 -18.91 -12.62 12.99
N GLY B 171 -18.06 -13.57 12.60
CA GLY B 171 -17.27 -13.35 11.40
C GLY B 171 -16.54 -14.60 10.99
N ALA B 172 -15.83 -14.50 9.87
CA ALA B 172 -14.99 -15.57 9.38
C ALA B 172 -13.57 -15.49 9.95
N GLY B 173 -12.89 -16.64 9.97
CA GLY B 173 -11.56 -16.73 10.54
C GLY B 173 -10.48 -16.36 9.56
N ASP B 174 -9.24 -16.39 10.05
CA ASP B 174 -8.10 -15.95 9.23
C ASP B 174 -7.98 -16.77 7.94
N LYS B 175 -8.07 -18.11 8.06
CA LYS B 175 -7.89 -18.93 6.87
C LYS B 175 -9.10 -18.84 5.95
N ALA B 176 -10.31 -18.79 6.51
CA ALA B 176 -11.49 -18.72 5.65
C ALA B 176 -11.44 -17.51 4.72
N GLY B 177 -10.90 -16.39 5.18
CA GLY B 177 -10.89 -15.21 4.33
C GLY B 177 -10.04 -15.33 3.07
N LEU B 178 -9.21 -16.36 2.98
CA LEU B 178 -8.37 -16.57 1.81
C LEU B 178 -8.82 -17.77 0.99
N GLY B 179 -10.01 -18.30 1.28
CA GLY B 179 -10.47 -19.48 0.59
C GLY B 179 -9.68 -20.72 0.93
N ALA B 180 -9.10 -20.79 2.13
CA ALA B 180 -8.24 -21.90 2.50
C ALA B 180 -8.61 -22.53 3.83
N GLY B 181 -9.86 -22.36 4.28
CA GLY B 181 -10.30 -22.89 5.57
C GLY B 181 -11.74 -22.48 5.79
N ASP B 182 -12.29 -22.98 6.90
CA ASP B 182 -13.68 -22.65 7.25
C ASP B 182 -13.81 -22.25 8.72
N ASP B 183 -12.80 -21.58 9.27
CA ASP B 183 -12.89 -21.13 10.66
C ASP B 183 -13.84 -19.95 10.79
N TYR B 184 -14.52 -19.89 11.93
CA TYR B 184 -15.42 -18.79 12.22
C TYR B 184 -15.39 -18.55 13.73
N TRP B 185 -16.04 -17.46 14.15
CA TRP B 185 -15.98 -17.02 15.54
C TRP B 185 -17.21 -16.18 15.83
N GLY B 186 -17.51 -16.03 17.12
CA GLY B 186 -18.56 -15.13 17.55
C GLY B 186 -18.22 -14.66 18.95
N GLY B 187 -18.80 -13.53 19.33
CA GLY B 187 -18.52 -12.97 20.65
C GLY B 187 -19.48 -11.86 20.99
N ILE B 188 -19.51 -11.51 22.27
CA ILE B 188 -20.39 -10.46 22.78
C ILE B 188 -19.71 -9.86 24.00
N ALA B 189 -20.08 -8.60 24.30
CA ALA B 189 -19.54 -7.88 25.45
C ALA B 189 -20.59 -6.96 26.02
N ALA B 190 -20.55 -6.75 27.34
CA ALA B 190 -21.49 -5.89 28.05
C ALA B 190 -20.75 -4.95 28.98
N HIS B 191 -21.32 -3.74 29.16
CA HIS B 191 -20.78 -2.71 30.04
C HIS B 191 -21.89 -2.13 30.91
N TYR B 192 -21.58 -1.93 32.19
CA TYR B 192 -22.51 -1.29 33.11
C TYR B 192 -21.74 -0.30 33.97
N LYS B 193 -22.12 0.98 33.92
CA LYS B 193 -21.49 2.05 34.69
C LYS B 193 -22.28 2.33 35.98
N LEU B 194 -21.66 2.04 37.13
CA LEU B 194 -22.25 2.28 38.45
C LEU B 194 -21.52 3.45 39.09
N GLY B 195 -21.97 4.67 38.81
CA GLY B 195 -21.38 5.87 39.38
C GLY B 195 -20.01 6.19 38.81
N PRO B 196 -18.99 6.20 39.65
CA PRO B 196 -17.62 6.36 39.15
C PRO B 196 -16.97 5.06 38.68
N LEU B 197 -17.67 3.94 38.76
CA LEU B 197 -17.11 2.66 38.38
C LEU B 197 -17.79 2.18 37.10
N GLN B 198 -17.18 1.18 36.46
CA GLN B 198 -17.73 0.58 35.27
C GLN B 198 -17.39 -0.89 35.24
N LEU B 199 -18.42 -1.73 35.01
CA LEU B 199 -18.29 -3.17 35.00
C LEU B 199 -18.22 -3.69 33.57
N ASP B 200 -17.35 -4.66 33.34
CA ASP B 200 -17.11 -5.18 32.01
C ASP B 200 -17.15 -6.70 31.99
N ALA B 201 -17.77 -7.24 30.95
CA ALA B 201 -17.78 -8.68 30.73
C ALA B 201 -17.79 -8.93 29.23
N ALA B 202 -17.12 -10.00 28.81
CA ALA B 202 -17.05 -10.29 27.39
C ALA B 202 -16.76 -11.77 27.22
N TYR B 203 -17.20 -12.32 26.09
CA TYR B 203 -16.94 -13.69 25.71
C TYR B 203 -16.59 -13.73 24.23
N GLU B 204 -15.78 -14.71 23.83
CA GLU B 204 -15.53 -14.95 22.41
C GLU B 204 -15.23 -16.41 22.14
N GLY B 205 -15.93 -16.98 21.17
CA GLY B 205 -15.69 -18.36 20.81
C GLY B 205 -15.26 -18.46 19.38
N ASN B 206 -14.19 -19.22 19.16
CA ASN B 206 -13.58 -19.47 17.86
C ASN B 206 -13.72 -20.95 17.52
N ARG B 207 -14.05 -21.26 16.25
CA ARG B 207 -14.35 -22.62 15.85
C ARG B 207 -13.63 -22.97 14.55
N ASN B 208 -13.32 -24.27 14.39
CA ASN B 208 -12.70 -24.82 13.18
C ASN B 208 -11.33 -24.21 12.92
N ILE B 209 -10.55 -24.02 13.96
CA ILE B 209 -9.22 -23.40 13.84
C ILE B 209 -8.19 -24.49 13.66
N GLU B 210 -7.51 -24.49 12.51
CA GLU B 210 -6.54 -25.54 12.19
C GLU B 210 -5.14 -25.10 12.59
N ALA B 211 -4.48 -25.91 13.41
CA ALA B 211 -3.14 -25.59 13.88
C ALA B 211 -2.53 -26.82 14.54
N GLU B 212 -1.21 -26.96 14.41
CA GLU B 212 -0.45 -28.05 15.03
C GLU B 212 -0.98 -29.43 14.65
N GLY B 213 -1.49 -29.56 13.43
CA GLY B 213 -2.00 -30.82 12.95
C GLY B 213 -3.35 -31.21 13.47
N GLN B 214 -4.00 -30.36 14.24
CA GLN B 214 -5.33 -30.62 14.77
C GLN B 214 -6.25 -29.47 14.39
N THR B 215 -7.56 -29.70 14.54
CA THR B 215 -8.52 -28.61 14.54
C THR B 215 -8.85 -28.26 15.99
N TRP B 216 -9.08 -26.97 16.24
CA TRP B 216 -9.24 -26.45 17.59
C TRP B 216 -10.53 -25.66 17.76
N GLU B 217 -11.06 -25.74 18.96
CA GLU B 217 -12.12 -24.84 19.45
C GLU B 217 -11.59 -24.02 20.62
N ASN B 218 -11.93 -22.73 20.64
CA ASN B 218 -11.47 -21.82 21.66
C ASN B 218 -12.66 -21.15 22.34
N ASN B 219 -12.53 -20.96 23.65
CA ASN B 219 -13.53 -20.25 24.45
C ASN B 219 -12.76 -19.36 25.43
N THR B 220 -13.09 -18.08 25.45
CA THR B 220 -12.34 -17.11 26.24
C THR B 220 -13.35 -16.22 26.93
N TYR B 221 -13.17 -16.03 28.23
CA TYR B 221 -14.08 -15.23 29.02
C TYR B 221 -13.29 -14.15 29.76
N LEU B 222 -13.96 -13.04 30.03
CA LEU B 222 -13.30 -11.88 30.59
C LEU B 222 -14.27 -11.05 31.42
N VAL B 223 -13.81 -10.63 32.61
CA VAL B 223 -14.55 -9.67 33.43
C VAL B 223 -13.57 -8.59 33.85
N GLY B 224 -14.08 -7.38 34.08
CA GLY B 224 -13.23 -6.26 34.40
C GLY B 224 -13.99 -5.09 35.00
N VAL B 225 -13.24 -4.27 35.72
CA VAL B 225 -13.76 -3.07 36.37
C VAL B 225 -12.86 -1.90 35.97
N GLN B 226 -13.41 -0.69 36.02
CA GLN B 226 -12.70 0.56 35.75
C GLN B 226 -13.19 1.64 36.70
N GLY B 227 -12.30 2.51 37.14
CA GLY B 227 -12.67 3.57 38.06
C GLY B 227 -12.09 4.91 37.65
N TRP B 228 -12.91 5.95 37.79
CA TRP B 228 -12.50 7.36 37.64
C TRP B 228 -12.96 8.13 38.86
N PHE B 229 -12.10 8.95 39.44
CA PHE B 229 -12.49 9.73 40.60
C PHE B 229 -12.01 11.16 40.45
N GLU B 230 -12.71 12.08 41.12
CA GLU B 230 -12.41 13.50 40.97
C GLU B 230 -11.04 13.81 41.54
N ASN B 231 -10.58 13.05 42.55
CA ASN B 231 -9.25 13.24 43.13
C ASN B 231 -8.17 13.26 42.05
N GLY B 232 -8.40 12.54 40.95
CA GLY B 232 -7.43 12.41 39.88
C GLY B 232 -7.07 10.97 39.63
N ILE B 233 -7.52 10.07 40.51
CA ILE B 233 -7.16 8.66 40.50
C ILE B 233 -8.13 7.89 39.61
N SER B 234 -7.57 7.05 38.77
CA SER B 234 -8.31 6.11 37.94
C SER B 234 -7.57 4.78 37.99
N PHE B 235 -8.31 3.68 37.81
CA PHE B 235 -7.71 2.36 37.78
C PHE B 235 -8.51 1.48 36.83
N PHE B 236 -7.92 0.34 36.49
CA PHE B 236 -8.57 -0.74 35.77
C PHE B 236 -7.97 -2.06 36.25
N ALA B 237 -8.81 -3.09 36.26
CA ALA B 237 -8.39 -4.44 36.58
C ALA B 237 -9.21 -5.39 35.73
N GLN B 238 -8.58 -6.49 35.32
CA GLN B 238 -9.19 -7.46 34.42
C GLN B 238 -8.65 -8.85 34.69
N TYR B 239 -9.53 -9.84 34.62
CA TYR B 239 -9.18 -11.25 34.69
C TYR B 239 -9.72 -11.94 33.43
N LYS B 240 -8.90 -12.82 32.87
CA LYS B 240 -9.16 -13.45 31.58
C LYS B 240 -8.95 -14.95 31.71
N TYR B 241 -9.96 -15.72 31.32
CA TYR B 241 -9.89 -17.17 31.35
C TYR B 241 -9.98 -17.70 29.93
N MET B 242 -9.01 -18.50 29.53
CA MET B 242 -8.92 -19.00 28.16
C MET B 242 -8.98 -20.53 28.13
N GLU B 243 -9.92 -21.06 27.35
CA GLU B 243 -10.15 -22.49 27.23
C GLU B 243 -10.00 -22.92 25.77
N ALA B 244 -9.13 -23.88 25.53
CA ALA B 244 -8.92 -24.41 24.19
C ALA B 244 -9.14 -25.91 24.14
N ASP B 245 -9.58 -26.40 22.99
CA ASP B 245 -9.93 -27.80 22.91
C ASP B 245 -9.58 -28.31 21.52
N ALA B 246 -8.76 -29.35 21.48
CA ALA B 246 -8.22 -29.89 20.25
C ALA B 246 -9.00 -31.10 19.75
N SER B 247 -8.81 -31.41 18.48
CA SER B 247 -9.53 -32.49 17.83
C SER B 247 -9.01 -33.86 18.24
N ASN B 248 -7.85 -33.93 18.90
CA ASN B 248 -7.36 -35.20 19.40
C ASN B 248 -7.72 -35.42 20.86
N GLY B 249 -8.67 -34.64 21.39
CA GLY B 249 -9.08 -34.74 22.77
C GLY B 249 -8.27 -33.91 23.76
N VAL B 250 -7.11 -33.41 23.38
CA VAL B 250 -6.27 -32.65 24.30
C VAL B 250 -6.99 -31.36 24.71
N ASN B 251 -7.01 -31.09 26.01
CA ASN B 251 -7.57 -29.87 26.56
C ASN B 251 -6.45 -29.00 27.13
N GLU B 252 -6.66 -27.68 27.09
CA GLU B 252 -5.70 -26.70 27.59
C GLU B 252 -6.45 -25.52 28.21
N LYS B 253 -5.91 -24.99 29.30
CA LYS B 253 -6.54 -23.88 29.99
C LYS B 253 -5.43 -22.99 30.53
N GLN B 254 -5.67 -21.68 30.49
CA GLN B 254 -4.72 -20.69 30.96
C GLN B 254 -5.49 -19.41 31.28
N ASP B 255 -5.10 -18.73 32.34
CA ASP B 255 -5.77 -17.48 32.66
C ASP B 255 -4.75 -16.37 32.83
N ALA B 256 -5.25 -15.16 32.94
CA ALA B 256 -4.37 -14.00 32.92
C ALA B 256 -5.12 -12.84 33.54
N MET B 257 -4.34 -11.83 33.98
CA MET B 257 -4.90 -10.64 34.56
C MET B 257 -4.15 -9.43 34.00
N SER B 258 -4.76 -8.25 34.17
CA SER B 258 -4.16 -6.98 33.81
C SER B 258 -4.67 -5.90 34.76
N ALA B 259 -3.78 -5.03 35.19
CA ALA B 259 -4.16 -4.00 36.14
C ALA B 259 -3.37 -2.74 35.87
N GLY B 260 -4.00 -1.61 36.16
CA GLY B 260 -3.38 -0.32 35.94
C GLY B 260 -3.80 0.74 36.93
N LEU B 261 -2.87 1.61 37.30
CA LEU B 261 -3.12 2.70 38.23
C LEU B 261 -2.72 4.02 37.61
N MET B 262 -3.50 5.07 37.84
CA MET B 262 -3.20 6.35 37.23
C MET B 262 -3.55 7.49 38.17
N TYR B 263 -2.72 8.52 38.15
CA TYR B 263 -2.95 9.73 38.93
C TYR B 263 -2.79 10.90 37.96
N THR B 264 -3.91 11.51 37.60
CA THR B 264 -3.91 12.73 36.79
C THR B 264 -3.88 13.94 37.70
N THR B 265 -2.93 14.86 37.43
CA THR B 265 -2.76 16.07 38.24
C THR B 265 -2.36 17.22 37.32
N GLY B 266 -3.32 18.06 36.96
CA GLY B 266 -3.06 19.24 36.15
C GLY B 266 -2.74 18.90 34.71
N ASP B 267 -1.50 19.10 34.29
CA ASP B 267 -1.11 18.77 32.94
C ASP B 267 -0.30 17.48 32.84
N TRP B 268 -0.20 16.72 33.93
CA TRP B 268 0.58 15.49 33.96
C TRP B 268 -0.33 14.34 34.37
N GLN B 269 0.05 13.14 33.95
CA GLN B 269 -0.68 11.94 34.33
C GLN B 269 0.32 10.81 34.50
N TYR B 270 0.47 10.31 35.73
CA TYR B 270 1.34 9.18 36.05
C TYR B 270 0.50 7.91 35.99
N LYS B 271 1.16 6.80 35.69
CA LYS B 271 0.45 5.55 35.47
C LYS B 271 1.41 4.38 35.67
N LEU B 272 1.00 3.41 36.48
CA LEU B 272 1.72 2.16 36.66
C LEU B 272 0.83 1.05 36.15
N GLY B 273 1.39 0.08 35.46
CA GLY B 273 0.63 -0.98 34.87
C GLY B 273 1.27 -2.34 35.12
N TYR B 274 0.42 -3.35 35.23
CA TYR B 274 0.88 -4.72 35.43
C TYR B 274 -0.07 -5.65 34.70
N ALA B 275 0.50 -6.65 34.05
CA ALA B 275 -0.29 -7.69 33.42
C ALA B 275 0.52 -8.97 33.50
N ALA B 276 -0.18 -10.11 33.48
CA ALA B 276 0.49 -11.39 33.68
C ALA B 276 -0.36 -12.51 33.13
N ASN B 277 0.32 -13.54 32.62
CA ASN B 277 -0.27 -14.80 32.21
C ASN B 277 0.13 -15.85 33.24
N PHE B 278 -0.82 -16.67 33.66
CA PHE B 278 -0.48 -17.69 34.63
C PHE B 278 0.01 -18.94 33.92
N ASP B 279 0.52 -19.87 34.72
CA ASP B 279 1.02 -21.13 34.17
C ASP B 279 -0.05 -21.82 33.32
N LEU B 280 0.38 -22.48 32.25
CA LEU B 280 -0.54 -23.15 31.35
C LEU B 280 -0.84 -24.58 31.82
N GLU B 281 -2.11 -24.93 31.78
CA GLU B 281 -2.56 -26.25 32.20
C GLU B 281 -2.98 -27.00 30.94
N ARG B 282 -2.26 -28.08 30.63
CA ARG B 282 -2.66 -28.98 29.56
C ARG B 282 -3.01 -30.35 30.14
N ASP B 283 -4.20 -30.84 29.79
CA ASP B 283 -4.69 -32.14 30.27
C ASP B 283 -4.65 -32.23 31.80
N GLY B 284 -4.94 -31.11 32.45
CA GLY B 284 -5.01 -31.03 33.89
C GLY B 284 -3.68 -31.11 34.61
N LYS B 285 -2.58 -30.89 33.90
CA LYS B 285 -1.24 -30.90 34.47
C LYS B 285 -0.66 -29.52 34.24
N THR B 286 -0.41 -28.78 35.33
CA THR B 286 0.20 -27.48 35.21
C THR B 286 1.58 -27.63 34.59
N LEU B 287 1.84 -26.84 33.55
CA LEU B 287 3.10 -26.90 32.86
C LEU B 287 4.07 -25.86 33.43
N SER B 288 5.26 -26.33 33.77
CA SER B 288 6.22 -25.54 34.52
C SER B 288 6.79 -24.42 33.66
N ASN B 289 6.77 -23.20 34.19
CA ASN B 289 7.36 -22.02 33.56
C ASN B 289 6.73 -21.70 32.22
N THR B 290 5.41 -21.54 32.23
CA THR B 290 4.72 -21.05 31.04
C THR B 290 4.05 -19.71 31.30
N SER B 291 4.40 -19.04 32.39
CA SER B 291 3.78 -17.78 32.75
C SER B 291 4.56 -16.59 32.18
N ASP B 292 3.88 -15.45 32.05
CA ASP B 292 4.47 -14.21 31.52
C ASP B 292 4.11 -13.04 32.44
N ASP B 293 5.01 -12.06 32.55
CA ASP B 293 4.76 -10.90 33.39
C ASP B 293 5.30 -9.65 32.70
N VAL B 294 4.71 -8.50 33.05
CA VAL B 294 5.20 -7.23 32.54
C VAL B 294 4.83 -6.15 33.56
N VAL B 295 5.80 -5.30 33.88
CA VAL B 295 5.54 -4.12 34.70
C VAL B 295 5.88 -2.91 33.85
N SER B 296 5.16 -1.80 34.09
CA SER B 296 5.32 -0.66 33.23
C SER B 296 4.99 0.62 33.99
N ALA B 297 5.75 1.67 33.67
CA ALA B 297 5.52 2.97 34.25
C ALA B 297 5.46 3.97 33.11
N GLN B 298 4.67 5.04 33.31
CA GLN B 298 4.51 6.03 32.27
C GLN B 298 4.18 7.41 32.85
N ILE B 299 4.81 8.45 32.28
CA ILE B 299 4.53 9.85 32.57
C ILE B 299 3.98 10.47 31.29
N MET B 300 2.81 11.07 31.41
CA MET B 300 2.16 11.71 30.26
C MET B 300 2.01 13.20 30.54
N TYR B 301 1.96 13.97 29.47
CA TYR B 301 1.86 15.42 29.55
C TYR B 301 0.88 15.87 28.48
N PHE B 302 -0.23 16.46 28.90
CA PHE B 302 -1.23 16.96 27.96
C PHE B 302 -0.64 18.25 27.39
N VAL B 303 0.16 18.08 26.34
CA VAL B 303 0.84 19.21 25.72
C VAL B 303 -0.13 20.12 24.98
N ASP B 304 -1.29 19.61 24.59
CA ASP B 304 -2.29 20.38 23.85
C ASP B 304 -3.64 19.69 24.06
N PRO B 305 -4.75 20.42 23.86
CA PRO B 305 -6.06 19.73 23.81
C PRO B 305 -6.10 18.57 22.82
N SER B 306 -5.22 18.56 21.83
CA SER B 306 -5.28 17.58 20.74
C SER B 306 -4.12 16.63 20.72
N ALA B 307 -3.20 16.69 21.70
CA ALA B 307 -2.00 15.89 21.66
C ALA B 307 -1.46 15.68 23.07
N VAL B 308 -0.53 14.74 23.20
CA VAL B 308 0.15 14.43 24.46
C VAL B 308 1.58 14.05 24.16
N LEU B 309 2.44 14.24 25.16
CA LEU B 309 3.79 13.68 25.16
C LEU B 309 3.89 12.60 26.24
N TYR B 310 4.81 11.66 26.05
CA TYR B 310 4.91 10.64 27.08
C TYR B 310 6.29 10.01 27.06
N ALA B 311 6.70 9.58 28.25
CA ALA B 311 7.85 8.71 28.40
C ALA B 311 7.35 7.42 29.02
N ARG B 312 8.08 6.35 28.78
CA ARG B 312 7.60 5.05 29.21
C ARG B 312 8.78 4.13 29.37
N ALA B 313 8.74 3.36 30.46
CA ALA B 313 9.67 2.28 30.75
C ALA B 313 8.83 1.04 31.04
N ARG B 314 9.39 -0.13 30.76
CA ARG B 314 8.63 -1.36 31.01
C ARG B 314 9.57 -2.55 30.93
N MET B 315 9.23 -3.60 31.67
CA MET B 315 10.07 -4.79 31.79
C MET B 315 9.22 -6.01 31.45
N ASN B 316 9.68 -6.81 30.48
CA ASN B 316 8.96 -8.02 30.03
C ASN B 316 9.75 -9.25 30.46
N ASP B 317 9.12 -10.11 31.26
CA ASP B 317 9.70 -11.38 31.67
C ASP B 317 8.80 -12.49 31.14
N PHE B 318 9.31 -13.26 30.16
CA PHE B 318 8.48 -14.23 29.46
C PHE B 318 8.73 -15.65 29.98
N ASN B 319 7.96 -16.59 29.42
CA ASN B 319 8.04 -18.01 29.72
C ASN B 319 9.30 -18.61 29.13
N GLU B 320 9.64 -19.81 29.59
CA GLU B 320 10.89 -20.47 29.26
C GLU B 320 10.76 -21.44 28.10
N GLY B 321 9.56 -21.62 27.55
CA GLY B 321 9.37 -22.45 26.37
C GLY B 321 8.22 -23.44 26.48
N LEU B 322 7.69 -23.83 25.33
CA LEU B 322 6.58 -24.78 25.32
C LEU B 322 6.63 -25.54 24.00
N ASP B 323 6.14 -26.78 24.02
CA ASP B 323 6.04 -27.61 22.83
C ASP B 323 4.58 -27.69 22.43
N GLY B 324 4.36 -27.74 21.13
CA GLY B 324 3.02 -27.90 20.60
C GLY B 324 2.55 -29.35 20.54
N LEU B 325 1.28 -29.52 20.14
CA LEU B 325 0.74 -30.86 19.97
C LEU B 325 1.30 -31.58 18.74
N ASP B 326 2.03 -30.88 17.88
CA ASP B 326 2.76 -31.52 16.79
C ASP B 326 4.20 -31.87 17.18
N ASP B 327 4.57 -31.66 18.45
CA ASP B 327 5.89 -31.98 18.99
C ASP B 327 6.96 -31.03 18.45
N ALA B 328 6.58 -29.77 18.27
CA ALA B 328 7.51 -28.72 17.87
C ALA B 328 7.25 -27.48 18.71
N ALA B 329 8.28 -26.64 18.83
CA ALA B 329 8.12 -25.41 19.60
C ALA B 329 6.88 -24.64 19.16
N ARG B 330 6.11 -24.17 20.14
CA ARG B 330 4.93 -23.34 19.89
C ARG B 330 5.33 -21.89 20.09
N TRP B 331 5.06 -21.06 19.08
CA TRP B 331 5.40 -19.65 19.14
C TRP B 331 4.59 -18.96 20.23
N THR B 332 5.27 -18.16 21.05
CA THR B 332 4.62 -17.25 21.98
C THR B 332 5.28 -15.89 21.83
N SER B 333 4.62 -14.88 22.40
CA SER B 333 5.15 -13.52 22.39
C SER B 333 6.49 -13.40 23.12
N GLY B 334 6.93 -14.44 23.82
CA GLY B 334 8.24 -14.49 24.44
C GLY B 334 9.27 -15.32 23.71
N THR B 335 8.98 -15.80 22.50
CA THR B 335 9.94 -16.62 21.77
C THR B 335 11.26 -15.88 21.52
N ASN B 336 11.20 -14.56 21.34
CA ASN B 336 12.39 -13.77 21.09
C ASN B 336 13.12 -13.38 22.35
N GLY B 337 12.59 -13.70 23.54
CA GLY B 337 13.30 -13.47 24.78
C GLY B 337 12.78 -12.27 25.56
N ASP B 338 13.29 -12.16 26.78
CA ASP B 338 12.95 -11.03 27.63
C ASP B 338 13.58 -9.77 27.10
N TYR B 339 12.91 -8.65 27.35
CA TYR B 339 13.47 -7.39 26.92
C TYR B 339 12.84 -6.28 27.77
N ASN B 340 13.64 -5.26 28.04
CA ASN B 340 13.16 -4.06 28.69
C ASN B 340 13.17 -2.94 27.65
N GLU B 341 12.31 -1.95 27.85
CA GLU B 341 12.11 -0.92 26.86
C GLU B 341 11.92 0.43 27.54
N TYR B 342 12.64 1.44 27.02
CA TYR B 342 12.51 2.83 27.44
C TYR B 342 12.13 3.63 26.21
N SER B 343 11.17 4.53 26.36
CA SER B 343 10.63 5.15 25.17
C SER B 343 10.01 6.49 25.48
N VAL B 344 10.04 7.37 24.48
CA VAL B 344 9.33 8.64 24.45
C VAL B 344 8.47 8.64 23.20
N GLY B 345 7.41 9.45 23.21
CA GLY B 345 6.52 9.50 22.06
C GLY B 345 5.56 10.65 22.15
N VAL B 346 4.93 10.92 21.02
CA VAL B 346 3.92 11.97 20.88
C VAL B 346 2.75 11.34 20.14
N GLU B 347 1.55 11.84 20.42
CA GLU B 347 0.35 11.42 19.71
C GLU B 347 -0.50 12.64 19.45
N TYR B 348 -1.05 12.75 18.23
CA TYR B 348 -1.78 13.93 17.82
C TYR B 348 -2.98 13.54 16.96
N TYR B 349 -4.10 14.23 17.18
CA TYR B 349 -5.37 13.90 16.52
C TYR B 349 -5.83 15.13 15.77
N PHE B 350 -5.89 15.01 14.44
CA PHE B 350 -6.38 16.09 13.58
C PHE B 350 -7.62 15.59 12.82
N ASP C 1 16.52 10.48 -5.75
CA ASP C 1 15.30 9.74 -6.06
C ASP C 1 14.62 10.30 -7.32
N GLY C 2 14.27 9.44 -8.28
CA GLY C 2 13.36 9.86 -9.33
C GLY C 2 14.02 10.69 -10.41
N ALA C 3 13.22 10.99 -11.45
CA ALA C 3 13.73 11.70 -12.62
C ALA C 3 14.08 13.14 -12.27
N ASN C 4 13.42 13.72 -11.27
CA ASN C 4 13.72 15.08 -10.84
C ASN C 4 13.57 15.25 -9.34
N SER C 5 13.62 14.16 -8.56
CA SER C 5 13.55 14.22 -7.09
C SER C 5 12.41 15.12 -6.63
N ASP C 6 12.62 15.84 -5.53
CA ASP C 6 11.63 16.81 -5.07
C ASP C 6 11.89 18.20 -5.59
N ALA C 7 12.58 18.31 -6.73
CA ALA C 7 12.80 19.63 -7.31
C ALA C 7 11.51 20.31 -7.72
N ALA C 8 10.44 19.53 -7.94
CA ALA C 8 9.14 20.14 -8.21
C ALA C 8 8.61 20.92 -7.02
N LYS C 9 8.85 20.42 -5.79
CA LYS C 9 8.39 21.12 -4.59
C LYS C 9 9.20 22.37 -4.32
N GLU C 10 10.49 22.36 -4.63
CA GLU C 10 11.31 23.50 -4.22
C GLU C 10 11.18 24.66 -5.19
N TYR C 11 10.95 24.38 -6.46
CA TYR C 11 11.05 25.40 -7.49
C TYR C 11 9.73 25.80 -8.10
N LEU C 12 8.75 24.90 -8.16
CA LEU C 12 7.46 25.18 -8.77
C LEU C 12 6.46 25.76 -7.78
N THR C 13 5.54 26.56 -8.31
CA THR C 13 4.53 27.23 -7.50
C THR C 13 3.38 26.26 -7.23
N LYS C 14 3.17 25.96 -5.95
CA LYS C 14 2.09 25.04 -5.55
C LYS C 14 0.74 25.59 -6.01
N ASP C 15 0.06 24.85 -6.88
CA ASP C 15 -1.29 25.20 -7.29
C ASP C 15 -2.27 24.73 -6.21
N SER C 16 -2.28 25.47 -5.10
CA SER C 16 -3.02 25.08 -3.92
C SER C 16 -4.50 24.86 -4.21
N PHE C 17 -5.08 23.85 -3.54
CA PHE C 17 -6.52 23.58 -3.57
C PHE C 17 -7.03 23.28 -4.97
N SER C 18 -6.21 22.67 -5.82
CA SER C 18 -6.68 22.29 -7.15
C SER C 18 -6.75 20.77 -7.36
N TYR C 19 -7.46 20.07 -6.46
CA TYR C 19 -7.63 18.63 -6.52
C TYR C 19 -9.02 18.24 -6.08
N GLU C 20 -9.49 17.09 -6.55
CA GLU C 20 -10.71 16.48 -6.04
C GLU C 20 -10.40 15.16 -5.37
N VAL C 21 -10.99 14.95 -4.19
CA VAL C 21 -10.93 13.67 -3.48
C VAL C 21 -12.26 13.01 -3.72
N TYR C 22 -12.25 11.77 -4.19
CA TYR C 22 -13.51 11.09 -4.44
C TYR C 22 -13.41 9.64 -4.01
N GLY C 23 -14.56 9.00 -3.91
CA GLY C 23 -14.59 7.61 -3.54
C GLY C 23 -15.84 6.90 -3.97
N ILE C 24 -15.70 5.60 -4.14
CA ILE C 24 -16.82 4.68 -4.32
C ILE C 24 -16.81 3.74 -3.13
N ILE C 25 -17.86 3.79 -2.33
CA ILE C 25 -18.03 2.84 -1.23
C ILE C 25 -18.85 1.68 -1.78
N ALA C 26 -18.35 0.46 -1.60
CA ALA C 26 -18.93 -0.74 -2.20
C ALA C 26 -18.65 -1.92 -1.29
N MET C 27 -19.71 -2.54 -0.75
CA MET C 27 -19.59 -3.77 0.04
C MET C 27 -20.46 -4.84 -0.59
N GLN C 28 -19.99 -6.09 -0.56
CA GLN C 28 -20.77 -7.20 -1.11
C GLN C 28 -20.67 -8.37 -0.12
N ALA C 29 -21.78 -8.68 0.54
CA ALA C 29 -21.87 -9.89 1.36
C ALA C 29 -22.22 -11.05 0.44
N ALA C 30 -21.30 -12.00 0.28
CA ALA C 30 -21.44 -13.03 -0.72
C ALA C 30 -21.17 -14.41 -0.14
N TYR C 31 -22.15 -15.30 -0.26
CA TYR C 31 -22.03 -16.71 0.08
C TYR C 31 -21.76 -17.51 -1.19
N ARG C 32 -20.79 -18.41 -1.13
CA ARG C 32 -20.47 -19.27 -2.26
C ARG C 32 -20.60 -20.72 -1.85
N ASP C 33 -21.07 -21.54 -2.77
CA ASP C 33 -21.32 -22.96 -2.56
C ASP C 33 -20.56 -23.70 -3.66
N TYR C 34 -19.40 -24.28 -3.32
CA TYR C 34 -18.55 -24.89 -4.34
C TYR C 34 -18.90 -26.36 -4.54
N ASP C 35 -18.78 -26.81 -5.79
CA ASP C 35 -18.98 -28.23 -6.15
C ASP C 35 -17.81 -28.71 -7.00
N SER C 36 -16.61 -28.76 -6.40
CA SER C 36 -15.39 -29.15 -7.09
C SER C 36 -15.12 -30.64 -7.02
N GLY C 37 -16.00 -31.42 -6.39
CA GLY C 37 -15.73 -32.83 -6.19
C GLY C 37 -14.84 -33.22 -5.03
N ASP C 38 -14.42 -32.28 -4.18
CA ASP C 38 -13.66 -32.58 -2.96
C ASP C 38 -14.30 -31.83 -1.80
N ALA C 39 -14.71 -32.56 -0.75
CA ALA C 39 -15.45 -31.94 0.35
C ALA C 39 -14.59 -30.94 1.11
N LYS C 40 -13.31 -31.25 1.33
CA LYS C 40 -12.42 -30.30 2.00
C LYS C 40 -12.25 -29.04 1.16
N GLN C 41 -11.85 -29.21 -0.11
CA GLN C 41 -11.60 -28.05 -0.96
C GLN C 41 -12.89 -27.26 -1.15
N ASP C 42 -14.04 -27.95 -1.16
CA ASP C 42 -15.33 -27.27 -1.20
C ASP C 42 -15.52 -26.39 0.01
N ASP C 43 -14.99 -26.80 1.16
CA ASP C 43 -15.22 -26.08 2.40
C ASP C 43 -14.28 -24.90 2.54
N ASN C 44 -13.03 -25.04 2.08
CA ASN C 44 -12.11 -23.91 2.10
C ASN C 44 -12.63 -22.77 1.22
N LEU C 45 -12.78 -23.05 -0.09
CA LEU C 45 -13.18 -22.03 -1.04
C LEU C 45 -14.57 -21.50 -0.74
N GLY C 46 -15.50 -22.38 -0.43
CA GLY C 46 -16.87 -21.95 -0.22
C GLY C 46 -17.09 -21.36 1.14
N GLY C 47 -18.18 -20.62 1.27
CA GLY C 47 -18.58 -20.04 2.54
C GLY C 47 -19.00 -18.60 2.36
N MET C 48 -19.27 -17.97 3.50
CA MET C 48 -19.67 -16.57 3.54
C MET C 48 -18.43 -15.65 3.61
N GLN C 49 -18.45 -14.57 2.82
CA GLN C 49 -17.36 -13.60 2.82
C GLN C 49 -17.92 -12.20 2.61
N LEU C 50 -17.13 -11.21 3.01
CA LEU C 50 -17.46 -9.81 2.75
C LEU C 50 -16.49 -9.27 1.70
N ASN C 51 -16.98 -9.04 0.48
CA ASN C 51 -16.15 -8.56 -0.61
C ASN C 51 -16.25 -7.04 -0.61
N ASN C 52 -15.28 -6.40 0.05
CA ASN C 52 -15.25 -4.95 0.22
C ASN C 52 -14.41 -4.35 -0.90
N GLU C 53 -15.09 -3.83 -1.94
CA GLU C 53 -14.45 -3.21 -3.10
C GLU C 53 -14.44 -1.69 -3.02
N SER C 54 -14.47 -1.13 -1.82
CA SER C 54 -14.37 0.32 -1.67
C SER C 54 -13.01 0.82 -2.15
N ARG C 55 -12.97 2.12 -2.47
CA ARG C 55 -11.74 2.75 -2.98
C ARG C 55 -11.83 4.25 -2.87
N ILE C 56 -10.69 4.86 -2.56
CA ILE C 56 -10.50 6.30 -2.54
C ILE C 56 -9.64 6.69 -3.74
N GLY C 57 -9.91 7.85 -4.34
CA GLY C 57 -9.13 8.29 -5.46
C GLY C 57 -8.93 9.81 -5.41
N PHE C 58 -8.01 10.27 -6.26
CA PHE C 58 -7.71 11.69 -6.42
C PHE C 58 -7.68 12.03 -7.90
N ARG C 59 -8.23 13.18 -8.27
CA ARG C 59 -8.25 13.57 -9.68
C ARG C 59 -8.28 15.10 -9.80
N GLY C 60 -7.96 15.59 -10.99
CA GLY C 60 -7.98 17.03 -11.20
C GLY C 60 -7.75 17.44 -12.64
N LYS C 61 -7.97 18.72 -12.89
CA LYS C 61 -7.70 19.33 -14.18
C LYS C 61 -6.93 20.64 -13.97
N LYS C 62 -6.05 20.96 -14.93
CA LYS C 62 -5.36 22.24 -14.91
C LYS C 62 -5.17 22.76 -16.32
N GLN C 63 -5.49 24.04 -16.51
CA GLN C 63 -5.22 24.73 -17.76
C GLN C 63 -3.82 25.34 -17.68
N PHE C 64 -2.86 24.74 -18.37
CA PHE C 64 -1.50 25.26 -18.39
C PHE C 64 -1.46 26.63 -19.05
N ALA C 65 -0.65 27.53 -18.49
CA ALA C 65 -0.60 28.90 -18.99
C ALA C 65 -0.29 28.95 -20.49
N ASN C 66 0.75 28.24 -20.93
CA ASN C 66 1.30 28.35 -22.28
C ASN C 66 1.09 27.07 -23.08
N PHE C 67 -0.05 26.42 -22.89
CA PHE C 67 -0.40 25.22 -23.64
C PHE C 67 -1.90 25.19 -23.78
N GLU C 68 -2.38 24.97 -25.02
CA GLU C 68 -3.82 24.95 -25.25
C GLU C 68 -4.52 23.74 -24.64
N PRO C 69 -4.07 22.50 -24.88
CA PRO C 69 -4.78 21.35 -24.27
C PRO C 69 -4.76 21.41 -22.74
N THR C 70 -5.89 21.03 -22.16
CA THR C 70 -6.06 21.03 -20.72
C THR C 70 -5.45 19.79 -20.10
N PHE C 71 -4.64 19.97 -19.07
CA PHE C 71 -4.01 18.85 -18.38
C PHE C 71 -5.02 18.11 -17.51
N ILE C 72 -4.95 16.79 -17.52
CA ILE C 72 -5.79 15.94 -16.69
C ILE C 72 -4.94 14.88 -16.00
N TRP C 73 -5.38 14.45 -14.82
CA TRP C 73 -4.66 13.40 -14.09
C TRP C 73 -5.62 12.69 -13.13
N GLN C 74 -5.25 11.45 -12.80
CA GLN C 74 -6.02 10.63 -11.87
C GLN C 74 -5.10 9.66 -11.16
N ILE C 75 -5.37 9.41 -9.88
CA ILE C 75 -4.68 8.41 -9.07
C ILE C 75 -5.74 7.72 -8.23
N GLU C 76 -6.03 6.45 -8.54
CA GLU C 76 -7.07 5.70 -7.85
C GLU C 76 -6.49 4.48 -7.17
N GLY C 77 -6.78 4.32 -5.87
CA GLY C 77 -6.34 3.13 -5.18
C GLY C 77 -7.23 1.94 -5.48
N GLY C 78 -6.75 0.75 -5.15
CA GLY C 78 -7.47 -0.48 -5.43
C GLY C 78 -8.43 -0.84 -4.30
N TYR C 79 -9.06 -2.01 -4.46
CA TYR C 79 -10.04 -2.50 -3.50
C TYR C 79 -9.46 -2.64 -2.09
N VAL C 80 -10.13 -2.04 -1.10
CA VAL C 80 -9.52 -1.95 0.21
C VAL C 80 -9.50 -3.30 0.95
N ASP C 81 -10.48 -4.16 0.69
CA ASP C 81 -10.58 -5.43 1.41
C ASP C 81 -11.46 -6.42 0.65
N PRO C 82 -11.02 -6.84 -0.52
CA PRO C 82 -11.81 -7.76 -1.33
C PRO C 82 -11.78 -9.16 -0.73
N SER C 83 -12.74 -9.97 -1.17
CA SER C 83 -12.79 -11.37 -0.75
C SER C 83 -11.61 -12.13 -1.35
N PHE C 84 -11.23 -13.21 -0.68
CA PHE C 84 -10.14 -14.10 -1.08
C PHE C 84 -8.78 -13.43 -0.99
N GLY C 85 -8.70 -12.22 -0.44
CA GLY C 85 -7.44 -11.52 -0.38
C GLY C 85 -7.30 -10.78 0.93
N GLY C 86 -6.05 -10.41 1.23
CA GLY C 86 -5.73 -9.68 2.43
C GLY C 86 -6.26 -8.27 2.37
N GLU C 87 -6.09 -7.54 3.46
CA GLU C 87 -6.61 -6.19 3.55
C GLU C 87 -5.58 -5.17 3.03
N GLY C 88 -6.07 -3.98 2.67
CA GLY C 88 -5.20 -2.89 2.25
C GLY C 88 -4.85 -2.84 0.77
N ALA C 89 -5.07 -1.69 0.13
CA ALA C 89 -4.72 -1.51 -1.27
C ALA C 89 -3.76 -0.34 -1.42
N GLY C 90 -2.88 -0.41 -2.39
CA GLY C 90 -1.98 0.69 -2.64
C GLY C 90 -2.66 1.80 -3.40
N LEU C 91 -2.05 2.98 -3.35
CA LEU C 91 -2.53 4.07 -4.18
C LEU C 91 -1.98 3.88 -5.59
N GLY C 92 -2.86 3.86 -6.58
CA GLY C 92 -2.45 3.67 -7.94
C GLY C 92 -2.69 2.30 -8.51
N GLU C 93 -3.52 1.49 -7.86
CA GLU C 93 -3.75 0.15 -8.37
C GLU C 93 -4.80 0.10 -9.46
N ARG C 94 -5.70 1.09 -9.50
CA ARG C 94 -6.73 1.18 -10.52
C ARG C 94 -6.31 2.20 -11.58
N ASP C 95 -7.27 2.72 -12.35
CA ASP C 95 -6.95 3.62 -13.47
C ASP C 95 -6.17 4.81 -12.93
N THR C 96 -4.92 4.95 -13.38
CA THR C 96 -4.01 5.99 -12.91
C THR C 96 -3.20 6.52 -14.08
N PHE C 97 -3.28 7.82 -14.32
CA PHE C 97 -2.76 8.36 -15.57
C PHE C 97 -2.62 9.88 -15.50
N VAL C 98 -1.84 10.43 -16.45
CA VAL C 98 -1.88 11.84 -16.84
C VAL C 98 -2.35 11.89 -18.28
N GLY C 99 -2.75 13.08 -18.73
CA GLY C 99 -3.20 13.24 -20.11
C GLY C 99 -3.53 14.68 -20.45
N PHE C 100 -3.89 14.88 -21.72
CA PHE C 100 -4.32 16.17 -22.23
C PHE C 100 -5.61 16.01 -23.02
N GLU C 101 -6.37 17.11 -23.13
CA GLU C 101 -7.63 17.05 -23.86
C GLU C 101 -8.05 18.41 -24.37
N SER C 102 -8.42 18.46 -25.64
CA SER C 102 -9.14 19.57 -26.25
C SER C 102 -10.41 19.01 -26.85
N ALA C 103 -11.50 19.78 -26.78
CA ALA C 103 -12.78 19.27 -27.27
C ALA C 103 -12.76 18.93 -28.77
N SER C 104 -11.74 19.36 -29.51
CA SER C 104 -11.70 19.13 -30.96
C SER C 104 -11.15 17.75 -31.32
N TRP C 105 -10.30 17.15 -30.49
CA TRP C 105 -9.75 15.84 -30.82
C TRP C 105 -9.86 14.81 -29.69
N GLY C 106 -10.60 15.13 -28.62
CA GLY C 106 -10.85 14.16 -27.57
C GLY C 106 -9.80 14.19 -26.48
N GLN C 107 -9.40 13.03 -25.98
CA GLN C 107 -8.43 12.99 -24.90
C GLN C 107 -7.45 11.87 -25.14
N VAL C 108 -6.21 12.13 -24.72
CA VAL C 108 -5.15 11.13 -24.73
C VAL C 108 -4.75 10.93 -23.29
N ARG C 109 -4.43 9.70 -22.91
CA ARG C 109 -4.07 9.39 -21.53
C ARG C 109 -2.82 8.51 -21.51
N LEU C 110 -1.90 8.80 -20.58
CA LEU C 110 -0.69 8.04 -20.45
C LEU C 110 -0.69 7.41 -19.07
N GLY C 111 -0.49 6.10 -19.04
CA GLY C 111 -0.41 5.46 -17.75
C GLY C 111 -1.13 4.13 -17.69
N ARG C 112 -1.92 3.93 -16.64
CA ARG C 112 -2.56 2.66 -16.35
C ARG C 112 -4.07 2.83 -16.49
N VAL C 113 -4.65 2.27 -17.57
CA VAL C 113 -6.09 2.40 -17.90
C VAL C 113 -6.60 1.11 -18.46
N LEU C 114 -7.90 1.08 -18.80
CA LEU C 114 -8.50 -0.10 -19.41
C LEU C 114 -8.30 -0.07 -20.90
N THR C 115 -7.94 -1.22 -21.47
CA THR C 115 -7.79 -1.31 -22.92
C THR C 115 -9.16 -1.19 -23.59
N PRO C 116 -9.22 -0.62 -24.81
CA PRO C 116 -10.52 -0.46 -25.50
C PRO C 116 -11.35 -1.74 -25.61
N MET C 117 -10.70 -2.88 -25.81
CA MET C 117 -11.44 -4.14 -25.89
C MET C 117 -12.05 -4.49 -24.55
N TYR C 118 -11.22 -4.63 -23.52
CA TYR C 118 -11.68 -5.08 -22.21
C TYR C 118 -12.77 -4.19 -21.65
N GLU C 119 -12.73 -2.89 -21.95
CA GLU C 119 -13.75 -1.98 -21.44
C GLU C 119 -15.15 -2.44 -21.78
N LEU C 120 -15.35 -2.94 -23.00
CA LEU C 120 -16.65 -3.46 -23.42
C LEU C 120 -16.93 -4.80 -22.78
N VAL C 121 -15.90 -5.65 -22.69
CA VAL C 121 -16.04 -6.90 -21.95
C VAL C 121 -16.45 -6.62 -20.50
N ASP C 122 -15.92 -5.55 -19.93
CA ASP C 122 -16.28 -5.21 -18.55
C ASP C 122 -17.74 -4.77 -18.45
N TRP C 123 -18.13 -3.73 -19.20
CA TRP C 123 -19.50 -3.19 -19.22
C TRP C 123 -19.94 -2.93 -20.67
N PRO C 124 -21.11 -3.44 -21.08
CA PRO C 124 -22.17 -3.97 -20.25
C PRO C 124 -22.08 -5.46 -19.97
N ALA C 125 -21.29 -6.22 -20.74
CA ALA C 125 -21.22 -7.66 -20.57
C ALA C 125 -20.62 -7.89 -19.20
N SER C 126 -20.45 -9.14 -18.78
CA SER C 126 -19.86 -9.40 -17.45
C SER C 126 -20.71 -8.95 -16.25
N ASN C 127 -21.75 -8.11 -16.45
CA ASN C 127 -22.63 -7.71 -15.35
C ASN C 127 -24.00 -8.35 -15.53
N PRO C 128 -24.58 -8.97 -14.49
CA PRO C 128 -24.10 -9.09 -13.12
C PRO C 128 -23.49 -10.46 -12.80
N GLY C 129 -22.22 -10.49 -12.42
CA GLY C 129 -21.62 -11.76 -12.03
C GLY C 129 -21.27 -12.68 -13.18
N LEU C 130 -21.27 -12.20 -14.41
CA LEU C 130 -20.88 -12.99 -15.57
C LEU C 130 -19.38 -12.98 -15.79
N GLY C 131 -18.62 -12.33 -14.89
CA GLY C 131 -17.21 -12.07 -15.13
C GLY C 131 -16.33 -13.31 -15.13
N ASP C 132 -16.56 -14.23 -14.19
CA ASP C 132 -15.74 -15.44 -14.14
C ASP C 132 -15.70 -16.17 -15.46
N VAL C 133 -16.79 -16.10 -16.23
CA VAL C 133 -16.87 -16.80 -17.50
C VAL C 133 -16.42 -15.92 -18.65
N TYR C 134 -16.95 -14.69 -18.75
CA TYR C 134 -16.75 -13.84 -19.91
C TYR C 134 -15.52 -12.95 -19.81
N ASP C 135 -15.18 -12.48 -18.60
CA ASP C 135 -14.04 -11.58 -18.40
C ASP C 135 -12.71 -12.32 -18.47
N TRP C 136 -12.29 -12.97 -17.37
CA TRP C 136 -11.06 -13.74 -17.38
C TRP C 136 -11.28 -15.24 -17.64
N GLY C 137 -12.49 -15.64 -18.02
CA GLY C 137 -12.70 -17.04 -18.33
C GLY C 137 -12.25 -17.40 -19.74
N GLY C 138 -12.01 -18.67 -19.96
CA GLY C 138 -11.52 -19.16 -21.24
C GLY C 138 -10.39 -20.18 -21.05
N ALA C 139 -10.03 -20.78 -22.19
CA ALA C 139 -9.01 -21.81 -22.19
C ALA C 139 -7.92 -21.57 -23.23
N ILE C 140 -8.03 -20.51 -24.03
CA ILE C 140 -7.05 -20.23 -25.07
C ILE C 140 -5.72 -19.84 -24.46
N GLY C 141 -4.63 -20.22 -25.13
CA GLY C 141 -3.31 -19.92 -24.61
C GLY C 141 -2.93 -18.47 -24.79
N GLY C 142 -1.78 -18.12 -24.21
CA GLY C 142 -1.29 -16.75 -24.37
C GLY C 142 -2.12 -15.77 -23.58
N ALA C 143 -2.42 -14.60 -24.18
CA ALA C 143 -3.24 -13.58 -23.55
C ALA C 143 -4.34 -13.10 -24.49
N LYS C 144 -5.58 -13.53 -24.24
CA LYS C 144 -6.70 -13.10 -25.07
C LYS C 144 -6.82 -11.58 -25.13
N TYR C 145 -6.43 -10.89 -24.06
CA TYR C 145 -6.38 -9.43 -24.01
C TYR C 145 -5.91 -9.00 -22.62
N GLN C 146 -5.66 -7.71 -22.48
CA GLN C 146 -5.24 -7.15 -21.21
C GLN C 146 -6.45 -6.57 -20.45
N ASP C 147 -6.27 -6.40 -19.15
CA ASP C 147 -7.34 -5.87 -18.31
C ASP C 147 -7.17 -4.37 -18.15
N ARG C 148 -6.92 -3.97 -16.91
CA ARG C 148 -6.34 -2.68 -16.59
C ARG C 148 -4.83 -2.82 -16.73
N GLN C 149 -4.21 -1.97 -17.56
CA GLN C 149 -2.81 -2.20 -17.89
C GLN C 149 -2.00 -0.91 -17.78
N SER C 150 -0.78 -1.04 -17.25
CA SER C 150 0.14 0.08 -17.17
C SER C 150 0.92 0.22 -18.48
N ASN C 151 1.69 1.31 -18.58
CA ASN C 151 2.51 1.63 -19.75
C ASN C 151 1.67 1.67 -21.02
N THR C 152 0.62 2.47 -20.96
CA THR C 152 -0.37 2.52 -22.03
C THR C 152 -0.55 3.97 -22.46
N ILE C 153 -0.61 4.17 -23.77
CA ILE C 153 -1.06 5.42 -24.33
C ILE C 153 -2.39 5.14 -25.03
N ARG C 154 -3.41 5.91 -24.68
CA ARG C 154 -4.76 5.68 -25.18
C ARG C 154 -5.41 7.00 -25.55
N TRP C 155 -6.06 7.01 -26.71
CA TRP C 155 -6.78 8.18 -27.21
C TRP C 155 -8.27 7.86 -27.26
N ASP C 156 -9.07 8.71 -26.63
CA ASP C 156 -10.53 8.59 -26.65
C ASP C 156 -11.05 9.73 -27.51
N SER C 157 -11.69 9.38 -28.63
CA SER C 157 -12.15 10.36 -29.58
C SER C 157 -13.36 11.09 -29.02
N PRO C 158 -13.69 12.26 -29.57
CA PRO C 158 -14.93 12.93 -29.19
C PRO C 158 -16.13 12.24 -29.83
N MET C 159 -17.33 12.72 -29.50
CA MET C 159 -18.55 12.19 -30.09
C MET C 159 -18.83 12.88 -31.43
N TYR C 160 -18.32 12.30 -32.52
CA TYR C 160 -18.51 12.87 -33.85
C TYR C 160 -19.96 12.73 -34.28
N ALA C 161 -20.53 13.83 -34.78
CA ALA C 161 -21.90 13.87 -35.31
C ALA C 161 -22.90 13.34 -34.28
N ASP C 162 -22.49 13.29 -33.02
CA ASP C 162 -23.31 12.83 -31.90
C ASP C 162 -23.73 11.38 -32.07
N LYS C 163 -23.08 10.65 -32.98
CA LYS C 163 -23.44 9.28 -33.27
C LYS C 163 -22.24 8.33 -33.29
N PHE C 164 -21.07 8.77 -33.73
CA PHE C 164 -19.91 7.90 -33.85
C PHE C 164 -18.86 8.25 -32.80
N SER C 165 -18.13 7.22 -32.34
CA SER C 165 -17.15 7.37 -31.27
C SER C 165 -16.07 6.30 -31.38
N ILE C 166 -14.81 6.67 -31.06
CA ILE C 166 -13.65 5.77 -31.23
C ILE C 166 -12.72 5.86 -30.01
N ASP C 167 -12.11 4.71 -29.66
CA ASP C 167 -11.09 4.54 -28.61
C ASP C 167 -9.94 3.71 -29.15
N ALA C 168 -8.70 4.17 -28.95
CA ALA C 168 -7.56 3.41 -29.44
C ALA C 168 -6.42 3.49 -28.45
N ALA C 169 -5.58 2.43 -28.44
CA ALA C 169 -4.45 2.40 -27.52
C ALA C 169 -3.45 1.33 -27.95
N VAL C 170 -2.23 1.49 -27.41
CA VAL C 170 -1.12 0.54 -27.54
C VAL C 170 -0.36 0.59 -26.21
N GLY C 171 0.37 -0.48 -25.91
CA GLY C 171 1.09 -0.50 -24.64
C GLY C 171 2.08 -1.64 -24.49
N ALA C 172 2.75 -1.63 -23.34
CA ALA C 172 3.66 -2.70 -22.97
C ALA C 172 2.95 -3.82 -22.22
N GLY C 173 3.50 -5.03 -22.33
CA GLY C 173 2.92 -6.21 -21.73
C GLY C 173 3.35 -6.38 -20.30
N ASP C 174 2.82 -7.43 -19.67
CA ASP C 174 3.12 -7.65 -18.25
C ASP C 174 4.61 -7.84 -17.99
N LYS C 175 5.29 -8.66 -18.80
CA LYS C 175 6.71 -8.91 -18.52
C LYS C 175 7.55 -7.69 -18.83
N ALA C 176 7.26 -6.97 -19.93
CA ALA C 176 8.05 -5.78 -20.26
C ALA C 176 7.98 -4.76 -19.14
N GLY C 177 6.84 -4.64 -18.48
CA GLY C 177 6.76 -3.64 -17.44
C GLY C 177 7.72 -3.85 -16.29
N LEU C 178 8.34 -5.03 -16.21
CA LEU C 178 9.34 -5.32 -15.19
C LEU C 178 10.73 -5.51 -15.78
N GLY C 179 10.92 -5.16 -17.06
CA GLY C 179 12.21 -5.35 -17.67
C GLY C 179 12.52 -6.82 -17.91
N ALA C 180 11.49 -7.64 -18.09
CA ALA C 180 11.68 -9.09 -18.23
C ALA C 180 10.97 -9.62 -19.48
N GLY C 181 10.77 -8.78 -20.47
CA GLY C 181 10.05 -9.25 -21.64
C GLY C 181 9.91 -8.17 -22.67
N ASP C 182 9.35 -8.55 -23.81
CA ASP C 182 9.15 -7.63 -24.92
C ASP C 182 7.74 -7.76 -25.47
N ASP C 183 6.76 -8.06 -24.61
CA ASP C 183 5.38 -8.13 -25.06
C ASP C 183 4.78 -6.74 -25.24
N TYR C 184 3.87 -6.63 -26.20
CA TYR C 184 3.15 -5.40 -26.45
C TYR C 184 1.76 -5.78 -26.94
N TRP C 185 0.91 -4.76 -27.06
CA TRP C 185 -0.46 -5.01 -27.46
C TRP C 185 -1.01 -3.74 -28.09
N GLY C 186 -2.06 -3.91 -28.89
CA GLY C 186 -2.74 -2.76 -29.47
C GLY C 186 -4.19 -3.14 -29.67
N GLY C 187 -5.04 -2.13 -29.72
CA GLY C 187 -6.46 -2.38 -29.87
C GLY C 187 -7.21 -1.11 -30.21
N ILE C 188 -8.44 -1.31 -30.66
CA ILE C 188 -9.32 -0.23 -31.09
C ILE C 188 -10.76 -0.70 -30.86
N ALA C 189 -11.66 0.26 -30.66
CA ALA C 189 -13.07 0.01 -30.45
C ALA C 189 -13.86 1.12 -31.10
N ALA C 190 -15.06 0.78 -31.57
CA ALA C 190 -15.94 1.73 -32.25
C ALA C 190 -17.33 1.66 -31.64
N HIS C 191 -18.04 2.79 -31.64
CA HIS C 191 -19.41 2.87 -31.14
C HIS C 191 -20.26 3.73 -32.07
N TYR C 192 -21.49 3.25 -32.34
CA TYR C 192 -22.46 4.00 -33.17
C TYR C 192 -23.83 3.93 -32.53
N LYS C 193 -24.42 5.10 -32.22
CA LYS C 193 -25.75 5.19 -31.63
C LYS C 193 -26.79 5.35 -32.74
N LEU C 194 -27.62 4.33 -32.94
CA LEU C 194 -28.74 4.40 -33.89
C LEU C 194 -30.01 4.44 -33.06
N GLY C 195 -30.39 5.64 -32.59
CA GLY C 195 -31.59 5.83 -31.82
C GLY C 195 -31.52 5.27 -30.41
N PRO C 196 -32.38 4.27 -30.12
CA PRO C 196 -32.27 3.57 -28.85
C PRO C 196 -31.26 2.43 -28.86
N LEU C 197 -30.59 2.19 -29.98
CA LEU C 197 -29.62 1.12 -30.07
C LEU C 197 -28.20 1.69 -30.18
N GLN C 198 -27.24 0.82 -29.92
CA GLN C 198 -25.84 1.16 -30.03
C GLN C 198 -25.09 -0.06 -30.51
N LEU C 199 -24.27 0.11 -31.52
CA LEU C 199 -23.48 -0.97 -32.08
C LEU C 199 -22.05 -0.83 -31.59
N ASP C 200 -21.42 -1.96 -31.28
CA ASP C 200 -20.10 -1.98 -30.69
C ASP C 200 -19.24 -2.97 -31.45
N ALA C 201 -18.00 -2.56 -31.73
CA ALA C 201 -17.02 -3.43 -32.37
C ALA C 201 -15.68 -3.10 -31.74
N ALA C 202 -14.83 -4.11 -31.58
CA ALA C 202 -13.54 -3.90 -30.95
C ALA C 202 -12.59 -5.02 -31.35
N TYR C 203 -11.31 -4.70 -31.35
CA TYR C 203 -10.26 -5.67 -31.63
C TYR C 203 -9.13 -5.46 -30.64
N GLU C 204 -8.38 -6.52 -30.38
CA GLU C 204 -7.14 -6.40 -29.64
C GLU C 204 -6.21 -7.52 -30.06
N GLY C 205 -4.97 -7.18 -30.37
CA GLY C 205 -3.96 -8.16 -30.71
C GLY C 205 -2.84 -8.11 -29.70
N ASN C 206 -2.37 -9.27 -29.23
CA ASN C 206 -1.29 -9.37 -28.25
C ASN C 206 -0.09 -10.08 -28.86
N ARG C 207 1.11 -9.55 -28.62
CA ARG C 207 2.28 -10.03 -29.33
C ARG C 207 3.44 -10.30 -28.38
N ASN C 208 4.25 -11.31 -28.74
CA ASN C 208 5.47 -11.66 -28.01
C ASN C 208 5.19 -12.13 -26.57
N ILE C 209 4.15 -12.93 -26.38
CA ILE C 209 3.76 -13.41 -25.07
C ILE C 209 4.40 -14.76 -24.77
N GLU C 210 5.17 -14.83 -23.70
CA GLU C 210 5.86 -16.07 -23.31
C GLU C 210 4.99 -16.85 -22.34
N ALA C 211 4.72 -18.09 -22.66
CA ALA C 211 3.92 -18.96 -21.79
C ALA C 211 4.07 -20.39 -22.27
N GLU C 212 4.08 -21.32 -21.31
CA GLU C 212 4.11 -22.76 -21.63
C GLU C 212 5.26 -23.10 -22.58
N GLY C 213 6.38 -22.39 -22.47
CA GLY C 213 7.55 -22.66 -23.28
C GLY C 213 7.51 -22.15 -24.70
N GLN C 214 6.47 -21.40 -25.08
CA GLN C 214 6.34 -20.88 -26.44
C GLN C 214 6.19 -19.37 -26.39
N THR C 215 6.36 -18.75 -27.57
CA THR C 215 5.90 -17.39 -27.79
C THR C 215 4.53 -17.45 -28.46
N TRP C 216 3.65 -16.52 -28.10
CA TRP C 216 2.26 -16.56 -28.55
C TRP C 216 1.89 -15.29 -29.30
N GLU C 217 0.97 -15.44 -30.25
CA GLU C 217 0.29 -14.33 -30.89
C GLU C 217 -1.20 -14.44 -30.60
N ASN C 218 -1.80 -13.35 -30.16
CA ASN C 218 -3.22 -13.35 -29.80
C ASN C 218 -3.96 -12.30 -30.62
N ASN C 219 -5.16 -12.67 -31.06
CA ASN C 219 -6.03 -11.79 -31.82
C ASN C 219 -7.45 -12.01 -31.32
N THR C 220 -8.14 -10.92 -30.99
CA THR C 220 -9.47 -11.01 -30.42
C THR C 220 -10.41 -9.99 -31.07
N TYR C 221 -11.61 -10.46 -31.45
CA TYR C 221 -12.60 -9.64 -32.13
C TYR C 221 -13.91 -9.69 -31.36
N LEU C 222 -14.71 -8.62 -31.45
CA LEU C 222 -15.91 -8.50 -30.63
C LEU C 222 -16.98 -7.64 -31.31
N VAL C 223 -18.23 -8.10 -31.28
CA VAL C 223 -19.36 -7.31 -31.79
C VAL C 223 -20.48 -7.33 -30.77
N GLY C 224 -21.27 -6.24 -30.71
CA GLY C 224 -22.33 -6.17 -29.73
C GLY C 224 -23.35 -5.08 -29.98
N VAL C 225 -24.55 -5.29 -29.44
CA VAL C 225 -25.65 -4.33 -29.50
C VAL C 225 -26.12 -4.02 -28.08
N GLN C 226 -26.65 -2.81 -27.90
CA GLN C 226 -27.23 -2.36 -26.64
C GLN C 226 -28.48 -1.55 -26.93
N GLY C 227 -29.51 -1.71 -26.12
CA GLY C 227 -30.73 -0.97 -26.28
C GLY C 227 -31.21 -0.38 -24.95
N TRP C 228 -31.64 0.88 -25.01
CA TRP C 228 -32.32 1.54 -23.90
C TRP C 228 -33.65 2.04 -24.45
N PHE C 229 -34.74 1.75 -23.75
CA PHE C 229 -36.07 2.16 -24.17
C PHE C 229 -36.82 2.83 -23.03
N GLU C 230 -37.68 3.79 -23.36
CA GLU C 230 -38.32 4.57 -22.32
C GLU C 230 -39.32 3.73 -21.52
N ASN C 231 -39.93 2.72 -22.16
CA ASN C 231 -40.82 1.79 -21.45
C ASN C 231 -40.13 1.13 -20.25
N GLY C 232 -38.80 1.01 -20.28
CA GLY C 232 -38.13 0.43 -19.13
C GLY C 232 -37.23 -0.75 -19.44
N ILE C 233 -37.25 -1.23 -20.68
CA ILE C 233 -36.49 -2.43 -21.03
C ILE C 233 -35.11 -2.00 -21.51
N SER C 234 -34.10 -2.71 -21.04
CA SER C 234 -32.74 -2.50 -21.53
C SER C 234 -32.13 -3.87 -21.78
N PHE C 235 -31.24 -3.95 -22.76
CA PHE C 235 -30.60 -5.23 -23.05
C PHE C 235 -29.21 -5.01 -23.61
N PHE C 236 -28.44 -6.11 -23.65
CA PHE C 236 -27.16 -6.14 -24.34
C PHE C 236 -26.90 -7.57 -24.80
N ALA C 237 -26.18 -7.69 -25.92
CA ALA C 237 -25.71 -8.98 -26.41
C ALA C 237 -24.37 -8.76 -27.10
N GLN C 238 -23.50 -9.76 -27.00
CA GLN C 238 -22.14 -9.65 -27.51
C GLN C 238 -21.64 -11.02 -27.97
N TYR C 239 -20.86 -11.01 -29.05
CA TYR C 239 -20.16 -12.19 -29.55
C TYR C 239 -18.68 -11.89 -29.62
N LYS C 240 -17.86 -12.86 -29.22
CA LYS C 240 -16.43 -12.69 -29.05
C LYS C 240 -15.70 -13.85 -29.71
N TYR C 241 -14.72 -13.54 -30.57
CA TYR C 241 -13.91 -14.54 -31.26
C TYR C 241 -12.44 -14.36 -30.88
N MET C 242 -11.81 -15.44 -30.40
CA MET C 242 -10.42 -15.40 -29.92
C MET C 242 -9.54 -16.36 -30.70
N GLU C 243 -8.45 -15.82 -31.25
CA GLU C 243 -7.52 -16.56 -32.10
C GLU C 243 -6.14 -16.45 -31.48
N ALA C 244 -5.53 -17.59 -31.17
CA ALA C 244 -4.17 -17.64 -30.63
C ALA C 244 -3.31 -18.52 -31.51
N ASP C 245 -2.02 -18.20 -31.54
CA ASP C 245 -1.11 -18.84 -32.48
C ASP C 245 0.23 -18.96 -31.78
N ALA C 246 0.74 -20.17 -31.69
CA ALA C 246 1.96 -20.41 -30.94
C ALA C 246 3.16 -20.50 -31.89
N SER C 247 4.34 -20.40 -31.29
CA SER C 247 5.59 -20.39 -32.05
C SER C 247 5.97 -21.76 -32.58
N ASN C 248 5.32 -22.83 -32.10
CA ASN C 248 5.54 -24.18 -32.60
C ASN C 248 4.47 -24.64 -33.59
N GLY C 249 3.75 -23.71 -34.23
CA GLY C 249 2.75 -24.03 -35.22
C GLY C 249 1.36 -24.31 -34.70
N VAL C 250 1.18 -24.57 -33.42
CA VAL C 250 -0.14 -24.86 -32.90
C VAL C 250 -1.02 -23.62 -33.01
N ASN C 251 -2.23 -23.80 -33.53
CA ASN C 251 -3.24 -22.76 -33.61
C ASN C 251 -4.35 -23.06 -32.60
N GLU C 252 -5.03 -22.00 -32.13
CA GLU C 252 -6.11 -22.18 -31.16
C GLU C 252 -7.18 -21.12 -31.38
N LYS C 253 -8.44 -21.53 -31.22
CA LYS C 253 -9.59 -20.68 -31.42
C LYS C 253 -10.63 -21.02 -30.38
N GLN C 254 -11.39 -20.01 -29.97
CA GLN C 254 -12.50 -20.17 -29.02
C GLN C 254 -13.41 -18.97 -29.17
N ASP C 255 -14.71 -19.17 -29.04
CA ASP C 255 -15.60 -18.02 -29.07
C ASP C 255 -16.50 -18.06 -27.84
N ALA C 256 -17.25 -16.99 -27.67
CA ALA C 256 -18.06 -16.80 -26.47
C ALA C 256 -19.15 -15.78 -26.79
N MET C 257 -20.19 -15.79 -25.97
CA MET C 257 -21.25 -14.81 -26.13
C MET C 257 -21.65 -14.31 -24.76
N SER C 258 -22.33 -13.16 -24.75
CA SER C 258 -22.87 -12.63 -23.51
C SER C 258 -24.13 -11.83 -23.81
N ALA C 259 -25.18 -12.04 -23.00
CA ALA C 259 -26.46 -11.37 -23.21
C ALA C 259 -27.12 -11.07 -21.87
N GLY C 260 -27.84 -9.95 -21.81
CA GLY C 260 -28.51 -9.55 -20.60
C GLY C 260 -29.79 -8.76 -20.86
N LEU C 261 -30.83 -9.03 -20.08
CA LEU C 261 -32.09 -8.35 -20.20
C LEU C 261 -32.42 -7.65 -18.89
N MET C 262 -32.99 -6.45 -18.98
CA MET C 262 -33.15 -5.61 -17.81
C MET C 262 -34.45 -4.82 -17.86
N TYR C 263 -35.12 -4.70 -16.72
CA TYR C 263 -36.36 -3.94 -16.61
C TYR C 263 -36.27 -2.95 -15.45
N THR C 264 -36.16 -1.66 -15.78
CA THR C 264 -36.21 -0.59 -14.80
C THR C 264 -37.63 -0.10 -14.64
N THR C 265 -38.10 0.02 -13.41
CA THR C 265 -39.46 0.49 -13.12
C THR C 265 -39.43 1.36 -11.86
N GLY C 266 -39.40 2.67 -12.05
CA GLY C 266 -39.44 3.56 -10.91
C GLY C 266 -38.14 3.52 -10.12
N ASP C 267 -38.19 2.93 -8.92
CA ASP C 267 -37.02 2.80 -8.06
C ASP C 267 -36.41 1.39 -8.07
N TRP C 268 -36.87 0.50 -8.93
CA TRP C 268 -36.42 -0.89 -8.96
C TRP C 268 -35.85 -1.24 -10.32
N GLN C 269 -34.97 -2.22 -10.33
CA GLN C 269 -34.40 -2.66 -11.61
C GLN C 269 -34.12 -4.15 -11.52
N TYR C 270 -34.83 -4.92 -12.33
CA TYR C 270 -34.61 -6.34 -12.42
C TYR C 270 -33.65 -6.61 -13.57
N LYS C 271 -32.89 -7.70 -13.46
CA LYS C 271 -31.89 -7.98 -14.48
C LYS C 271 -31.55 -9.45 -14.43
N LEU C 272 -31.68 -10.13 -15.58
CA LEU C 272 -31.25 -11.50 -15.78
C LEU C 272 -30.18 -11.49 -16.87
N GLY C 273 -29.11 -12.23 -16.66
CA GLY C 273 -27.98 -12.23 -17.56
C GLY C 273 -27.49 -13.64 -17.81
N TYR C 274 -26.88 -13.82 -18.97
CA TYR C 274 -26.30 -15.11 -19.35
C TYR C 274 -25.02 -14.85 -20.13
N ALA C 275 -24.01 -15.70 -19.88
CA ALA C 275 -22.76 -15.65 -20.62
C ALA C 275 -22.23 -17.07 -20.76
N ALA C 276 -21.43 -17.29 -21.81
CA ALA C 276 -20.95 -18.65 -22.07
C ALA C 276 -19.73 -18.63 -22.97
N ASN C 277 -18.83 -19.59 -22.72
CA ASN C 277 -17.69 -19.91 -23.58
C ASN C 277 -18.01 -21.22 -24.28
N PHE C 278 -17.76 -21.27 -25.59
CA PHE C 278 -17.97 -22.51 -26.31
C PHE C 278 -16.67 -23.34 -26.33
N ASP C 279 -16.80 -24.60 -26.73
CA ASP C 279 -15.65 -25.50 -26.71
C ASP C 279 -14.47 -24.92 -27.50
N LEU C 280 -13.27 -25.17 -27.00
CA LEU C 280 -12.04 -24.65 -27.60
C LEU C 280 -11.54 -25.61 -28.67
N GLU C 281 -11.13 -25.06 -29.80
CA GLU C 281 -10.64 -25.84 -30.92
C GLU C 281 -9.13 -25.60 -31.04
N ARG C 282 -8.35 -26.66 -30.85
CA ARG C 282 -6.91 -26.61 -31.05
C ARG C 282 -6.55 -27.39 -32.30
N ASP C 283 -5.80 -26.74 -33.21
CA ASP C 283 -5.41 -27.31 -34.50
C ASP C 283 -6.63 -27.75 -35.30
N GLY C 284 -7.69 -26.96 -35.23
CA GLY C 284 -8.92 -27.18 -35.96
C GLY C 284 -9.74 -28.37 -35.50
N LYS C 285 -9.49 -28.89 -34.30
CA LYS C 285 -10.24 -30.01 -33.75
C LYS C 285 -10.83 -29.62 -32.40
N THR C 286 -12.16 -29.69 -32.28
CA THR C 286 -12.85 -29.34 -31.03
C THR C 286 -12.38 -30.22 -29.88
N LEU C 287 -12.11 -29.59 -28.74
CA LEU C 287 -11.76 -30.31 -27.51
C LEU C 287 -12.99 -30.44 -26.62
N SER C 288 -13.30 -31.67 -26.21
CA SER C 288 -14.55 -31.95 -25.52
C SER C 288 -14.51 -31.44 -24.10
N ASN C 289 -15.58 -30.74 -23.69
CA ASN C 289 -15.78 -30.22 -22.33
C ASN C 289 -14.74 -29.16 -21.97
N THR C 290 -14.60 -28.16 -22.84
CA THR C 290 -13.77 -26.98 -22.55
C THR C 290 -14.62 -25.72 -22.48
N SER C 291 -15.93 -25.84 -22.41
CA SER C 291 -16.88 -24.73 -22.40
C SER C 291 -17.21 -24.33 -20.95
N ASP C 292 -17.72 -23.11 -20.81
CA ASP C 292 -18.17 -22.59 -19.53
C ASP C 292 -19.46 -21.82 -19.78
N ASP C 293 -20.36 -21.82 -18.80
CA ASP C 293 -21.56 -20.99 -18.92
C ASP C 293 -21.97 -20.52 -17.53
N VAL C 294 -22.74 -19.44 -17.50
CA VAL C 294 -23.19 -18.87 -16.22
C VAL C 294 -24.56 -18.23 -16.42
N VAL C 295 -25.45 -18.43 -15.44
CA VAL C 295 -26.73 -17.74 -15.42
C VAL C 295 -26.78 -16.85 -14.17
N SER C 296 -27.47 -15.72 -14.27
CA SER C 296 -27.43 -14.77 -13.17
C SER C 296 -28.70 -13.93 -13.08
N ALA C 297 -29.15 -13.68 -11.84
CA ALA C 297 -30.33 -12.87 -11.56
C ALA C 297 -30.03 -11.80 -10.51
N GLN C 298 -30.70 -10.67 -10.63
CA GLN C 298 -30.42 -9.60 -9.66
C GLN C 298 -31.57 -8.61 -9.59
N ILE C 299 -31.88 -8.16 -8.37
CA ILE C 299 -32.83 -7.08 -8.10
C ILE C 299 -32.05 -5.93 -7.46
N MET C 300 -32.17 -4.74 -8.04
CA MET C 300 -31.50 -3.57 -7.50
C MET C 300 -32.56 -2.54 -7.10
N TYR C 301 -32.23 -1.69 -6.12
CA TYR C 301 -33.16 -0.69 -5.60
C TYR C 301 -32.41 0.62 -5.37
N PHE C 302 -32.83 1.69 -6.05
CA PHE C 302 -32.17 2.99 -5.97
C PHE C 302 -32.58 3.76 -4.70
N VAL C 303 -31.85 3.50 -3.62
CA VAL C 303 -32.18 4.11 -2.34
C VAL C 303 -31.86 5.61 -2.29
N ASP C 304 -30.96 6.09 -3.14
CA ASP C 304 -30.56 7.50 -3.16
C ASP C 304 -30.04 7.80 -4.56
N PRO C 305 -30.13 9.07 -5.02
CA PRO C 305 -29.47 9.43 -6.28
C PRO C 305 -28.00 8.99 -6.30
N SER C 306 -27.40 8.76 -5.12
CA SER C 306 -25.98 8.51 -4.96
C SER C 306 -25.64 7.10 -4.53
N ALA C 307 -26.63 6.23 -4.34
CA ALA C 307 -26.35 4.88 -3.87
C ALA C 307 -27.43 3.92 -4.36
N VAL C 308 -27.12 2.63 -4.27
CA VAL C 308 -28.05 1.56 -4.65
C VAL C 308 -27.85 0.39 -3.69
N LEU C 309 -28.92 -0.38 -3.48
CA LEU C 309 -28.86 -1.67 -2.82
C LEU C 309 -29.15 -2.76 -3.86
N TYR C 310 -28.65 -3.96 -3.63
CA TYR C 310 -28.88 -5.00 -4.63
C TYR C 310 -28.76 -6.38 -4.02
N ALA C 311 -29.57 -7.30 -4.54
CA ALA C 311 -29.48 -8.72 -4.24
C ALA C 311 -29.17 -9.46 -5.53
N ARG C 312 -28.47 -10.60 -5.43
CA ARG C 312 -28.02 -11.26 -6.65
C ARG C 312 -27.67 -12.72 -6.38
N ALA C 313 -28.10 -13.58 -7.28
CA ALA C 313 -27.77 -15.00 -7.29
C ALA C 313 -27.15 -15.32 -8.64
N ARG C 314 -26.32 -16.37 -8.68
CA ARG C 314 -25.73 -16.80 -9.95
C ARG C 314 -25.13 -18.19 -9.80
N MET C 315 -25.15 -18.96 -10.88
CA MET C 315 -24.55 -20.30 -10.88
C MET C 315 -23.60 -20.43 -12.05
N ASN C 316 -22.39 -20.90 -11.76
CA ASN C 316 -21.30 -21.06 -12.73
C ASN C 316 -21.08 -22.53 -13.01
N ASP C 317 -21.10 -22.90 -14.29
CA ASP C 317 -20.69 -24.24 -14.69
C ASP C 317 -19.44 -24.13 -15.55
N PHE C 318 -18.31 -24.61 -15.02
CA PHE C 318 -17.03 -24.36 -15.68
C PHE C 318 -16.60 -25.57 -16.49
N ASN C 319 -15.52 -25.38 -17.23
CA ASN C 319 -14.95 -26.49 -17.99
C ASN C 319 -14.26 -27.46 -17.04
N GLU C 320 -14.03 -28.66 -17.53
CA GLU C 320 -13.54 -29.73 -16.69
C GLU C 320 -12.04 -29.95 -16.83
N GLY C 321 -11.36 -29.21 -17.69
CA GLY C 321 -9.91 -29.21 -17.68
C GLY C 321 -9.31 -29.43 -19.05
N LEU C 322 -8.12 -28.88 -19.24
CA LEU C 322 -7.37 -29.03 -20.49
C LEU C 322 -5.90 -28.85 -20.18
N ASP C 323 -5.06 -29.42 -21.02
CA ASP C 323 -3.62 -29.32 -20.86
C ASP C 323 -3.06 -28.32 -21.85
N GLY C 324 -2.03 -27.61 -21.41
CA GLY C 324 -1.37 -26.64 -22.25
C GLY C 324 -0.37 -27.30 -23.18
N LEU C 325 0.21 -26.48 -24.05
CA LEU C 325 1.21 -26.99 -24.99
C LEU C 325 2.50 -27.45 -24.31
N ASP C 326 2.67 -27.25 -23.01
CA ASP C 326 3.81 -27.82 -22.30
C ASP C 326 3.49 -29.13 -21.59
N ASP C 327 2.27 -29.67 -21.73
CA ASP C 327 1.83 -30.90 -21.04
C ASP C 327 1.67 -30.71 -19.54
N ALA C 328 1.15 -29.57 -19.15
CA ALA C 328 0.74 -29.36 -17.78
C ALA C 328 -0.62 -28.71 -17.85
N ALA C 329 -1.44 -28.98 -16.83
CA ALA C 329 -2.77 -28.44 -16.78
C ALA C 329 -2.72 -26.94 -17.02
N ARG C 330 -3.63 -26.44 -17.84
CA ARG C 330 -3.69 -25.01 -18.10
C ARG C 330 -4.71 -24.40 -17.16
N TRP C 331 -4.28 -23.39 -16.39
CA TRP C 331 -5.15 -22.74 -15.44
C TRP C 331 -6.32 -22.11 -16.17
N THR C 332 -7.54 -22.31 -15.66
CA THR C 332 -8.73 -21.61 -16.13
C THR C 332 -9.53 -21.17 -14.91
N SER C 333 -10.56 -20.36 -15.16
CA SER C 333 -11.46 -19.91 -14.10
C SER C 333 -12.21 -21.06 -13.44
N GLY C 334 -12.15 -22.26 -13.99
CA GLY C 334 -12.75 -23.42 -13.37
C GLY C 334 -11.77 -24.32 -12.65
N THR C 335 -10.50 -23.93 -12.54
CA THR C 335 -9.53 -24.77 -11.83
C THR C 335 -10.00 -25.03 -10.41
N ASN C 336 -10.73 -24.11 -9.81
CA ASN C 336 -11.26 -24.25 -8.47
C ASN C 336 -12.62 -24.93 -8.40
N GLY C 337 -13.28 -25.24 -9.52
CA GLY C 337 -14.52 -25.99 -9.51
C GLY C 337 -15.73 -25.09 -9.72
N ASP C 338 -16.88 -25.74 -9.95
CA ASP C 338 -18.15 -25.02 -10.11
C ASP C 338 -18.62 -24.42 -8.79
N TYR C 339 -19.39 -23.34 -8.88
CA TYR C 339 -19.88 -22.74 -7.66
C TYR C 339 -21.08 -21.86 -7.97
N ASN C 340 -22.01 -21.80 -7.02
CA ASN C 340 -23.13 -20.89 -7.08
C ASN C 340 -22.91 -19.83 -6.00
N GLU C 341 -23.49 -18.66 -6.19
CA GLU C 341 -23.24 -17.55 -5.27
C GLU C 341 -24.48 -16.71 -5.06
N TYR C 342 -24.76 -16.38 -3.81
CA TYR C 342 -25.87 -15.52 -3.44
C TYR C 342 -25.31 -14.34 -2.67
N SER C 343 -25.78 -13.13 -2.96
CA SER C 343 -25.13 -11.95 -2.38
C SER C 343 -26.09 -10.77 -2.33
N VAL C 344 -25.81 -9.89 -1.36
CA VAL C 344 -26.41 -8.57 -1.20
C VAL C 344 -25.28 -7.56 -1.14
N GLY C 345 -25.59 -6.30 -1.45
CA GLY C 345 -24.52 -5.31 -1.46
C GLY C 345 -25.04 -3.90 -1.56
N VAL C 346 -24.12 -2.95 -1.34
CA VAL C 346 -24.39 -1.51 -1.44
C VAL C 346 -23.29 -0.86 -2.28
N GLU C 347 -23.65 0.24 -2.94
CA GLU C 347 -22.70 1.05 -3.69
C GLU C 347 -23.03 2.51 -3.44
N TYR C 348 -22.00 3.33 -3.21
CA TYR C 348 -22.19 4.73 -2.84
C TYR C 348 -21.09 5.55 -3.50
N TYR C 349 -21.43 6.73 -4.00
CA TYR C 349 -20.48 7.55 -4.76
C TYR C 349 -20.39 8.95 -4.16
N PHE C 350 -19.21 9.30 -3.63
CA PHE C 350 -18.97 10.66 -3.18
C PHE C 350 -17.78 11.26 -3.93
#